data_3OS8
#
_entry.id   3OS8
#
_cell.length_a   53.698
_cell.length_b   58.569
_cell.length_c   93.461
_cell.angle_alpha   80.40
_cell.angle_beta   74.85
_cell.angle_gamma   62.79
#
_symmetry.space_group_name_H-M   'P 1'
#
loop_
_entity.id
_entity.type
_entity.pdbx_description
1 polymer 'Estrogen receptor'
2 polymer 'Estrogen receptor'
3 non-polymer 4-[1-benzyl-7-(trifluoromethyl)-1H-indazol-3-yl]benzene-1,3-diol
4 water water
#
loop_
_entity_poly.entity_id
_entity_poly.type
_entity_poly.pdbx_seq_one_letter_code
_entity_poly.pdbx_strand_id
1 'polypeptide(L)'
;SNAKRSKKNSLALSLTADQMVSALLDAEPPILYSEYDPTRPFSEASMMGLLTNLADRELVHMINWAKRVPGFVDLTRHDQ
VHLLECAWLEILMIGLVWRSMEHPGKLLFAPNLLLDRNQGK(CME)VEGMVEIFDMLLATSSRFRMMNLQGEEFVCLKSI
ILLNSGVYTFLSSTLKSLEEKDHIHRVLDKITDTLIHLMAKAGLTLQQQHQRLAQLLLILSHIRHMSNKGMEHLYSMKCK
NVVPSYDLLLEMLDAHRLHAPT
;
A,B
2 'polypeptide(L)'
;SNAKRSKKNSLALSLTADQMVSALLDAEPPILYSEYDPTRPFSEASMMGLLTNLADRELVHMINWAKRVPGFVDLTRHDQ
VHLLECAWLEILMIGLVWRSMEHPGKLLFAPNLLLDRNQGKCVEGMVEIFDMLLATSSRFRMMNLQGEEFVCLKSIILLN
SGVYTFLSSTLKSLEEKDHIHRVLDKITDTLIHLMAKAGLTLQQQHQRLAQLLLILSHIRHMSNKGMEHLYSMKCKNVVP
SYDLLLEMLDAHRLHAPT
;
C,D
#
loop_
_chem_comp.id
_chem_comp.type
_chem_comp.name
_chem_comp.formula
KN0 non-polymer 4-[1-benzyl-7-(trifluoromethyl)-1H-indazol-3-yl]benzene-1,3-diol 'C21 H15 F3 N2 O2'
#
# COMPACT_ATOMS: atom_id res chain seq x y z
N LEU A 11 33.37 -0.03 -5.56
CA LEU A 11 31.96 -0.30 -5.80
C LEU A 11 31.75 -1.75 -6.23
N ALA A 12 30.52 -2.23 -6.10
CA ALA A 12 30.19 -3.63 -6.35
C ALA A 12 30.56 -4.10 -7.76
N LEU A 13 30.41 -3.22 -8.74
CA LEU A 13 30.63 -3.59 -10.15
C LEU A 13 32.10 -3.89 -10.48
N SER A 14 33.00 -3.58 -9.54
CA SER A 14 34.43 -3.80 -9.76
C SER A 14 34.94 -5.10 -9.17
N LEU A 15 34.11 -5.76 -8.38
CA LEU A 15 34.49 -7.03 -7.76
C LEU A 15 34.80 -8.12 -8.79
N THR A 16 35.80 -8.94 -8.49
CA THR A 16 36.04 -10.15 -9.27
C THR A 16 35.05 -11.20 -8.84
N ALA A 17 35.01 -12.32 -9.55
CA ALA A 17 34.13 -13.41 -9.18
C ALA A 17 34.52 -13.93 -7.78
N ASP A 18 35.82 -14.10 -7.56
CA ASP A 18 36.32 -14.57 -6.27
C ASP A 18 35.97 -13.62 -5.14
N GLN A 19 35.94 -12.33 -5.43
CA GLN A 19 35.63 -11.33 -4.42
C GLN A 19 34.14 -11.30 -4.13
N MET A 20 33.34 -11.57 -5.16
CA MET A 20 31.89 -11.60 -5.02
C MET A 20 31.46 -12.79 -4.17
N VAL A 21 32.03 -13.95 -4.44
CA VAL A 21 31.74 -15.16 -3.67
C VAL A 21 32.05 -14.97 -2.19
N SER A 22 33.23 -14.39 -1.92
CA SER A 22 33.69 -14.19 -0.55
C SER A 22 32.76 -13.24 0.20
N ALA A 23 32.37 -12.16 -0.48
CA ALA A 23 31.46 -11.19 0.11
C ALA A 23 30.13 -11.83 0.45
N LEU A 24 29.60 -12.65 -0.46
CA LEU A 24 28.32 -13.31 -0.25
C LEU A 24 28.38 -14.35 0.88
N LEU A 25 29.43 -15.14 0.91
CA LEU A 25 29.60 -16.14 1.96
C LEU A 25 29.69 -15.47 3.34
N ASP A 26 30.50 -14.42 3.43
CA ASP A 26 30.68 -13.71 4.70
C ASP A 26 29.37 -13.08 5.18
N ALA A 27 28.52 -12.73 4.23
CA ALA A 27 27.27 -12.02 4.55
C ALA A 27 26.17 -12.95 5.05
N GLU A 28 26.43 -14.26 5.01
CA GLU A 28 25.40 -15.23 5.35
C GLU A 28 24.79 -14.98 6.73
N PRO A 29 23.45 -15.07 6.81
CA PRO A 29 22.73 -14.87 8.08
C PRO A 29 22.85 -16.12 8.94
N PRO A 30 22.54 -16.02 10.24
CA PRO A 30 22.63 -17.19 11.11
C PRO A 30 21.39 -18.07 10.96
N ILE A 31 21.50 -19.32 11.39
CA ILE A 31 20.34 -20.18 11.48
C ILE A 31 19.70 -19.99 12.85
N LEU A 32 18.41 -19.70 12.87
CA LEU A 32 17.70 -19.48 14.12
C LEU A 32 16.92 -20.72 14.53
N TYR A 33 16.54 -20.77 15.80
CA TYR A 33 15.75 -21.87 16.31
C TYR A 33 14.31 -21.42 16.39
N SER A 34 13.41 -22.39 16.34
CA SER A 34 12.00 -22.11 16.54
C SER A 34 11.77 -21.95 18.03
N GLU A 35 10.66 -21.32 18.41
CA GLU A 35 10.29 -21.18 19.81
C GLU A 35 10.41 -22.53 20.48
N TYR A 36 11.21 -22.61 21.54
CA TYR A 36 11.50 -23.89 22.16
C TYR A 36 10.27 -24.53 22.79
N ASP A 37 10.17 -25.85 22.64
CA ASP A 37 9.20 -26.67 23.34
C ASP A 37 7.79 -26.15 23.21
N PRO A 38 7.25 -26.18 21.99
CA PRO A 38 5.85 -25.82 21.82
C PRO A 38 4.98 -27.04 22.11
N THR A 39 3.70 -26.82 22.36
CA THR A 39 2.78 -27.93 22.52
C THR A 39 2.85 -28.83 21.29
N ARG A 40 3.03 -30.12 21.51
CA ARG A 40 2.91 -31.12 20.46
C ARG A 40 1.87 -32.13 20.90
N PRO A 41 1.00 -32.58 19.98
CA PRO A 41 0.98 -32.26 18.55
C PRO A 41 0.59 -30.81 18.28
N PHE A 42 0.87 -30.35 17.06
CA PHE A 42 0.51 -29.00 16.65
C PHE A 42 -0.94 -28.94 16.21
N SER A 43 -1.51 -27.75 16.24
CA SER A 43 -2.74 -27.45 15.51
C SER A 43 -2.33 -26.57 14.34
N GLU A 44 -3.28 -26.28 13.45
CA GLU A 44 -3.01 -25.44 12.28
C GLU A 44 -2.50 -24.07 12.70
N ALA A 45 -3.16 -23.50 13.72
CA ALA A 45 -2.79 -22.18 14.23
C ALA A 45 -1.43 -22.20 14.93
N SER A 46 -1.20 -23.22 15.77
CA SER A 46 0.03 -23.29 16.54
C SER A 46 1.26 -23.37 15.64
N MET A 47 1.19 -24.20 14.59
CA MET A 47 2.33 -24.30 13.69
C MET A 47 2.58 -22.96 12.98
N MET A 48 1.50 -22.35 12.48
CA MET A 48 1.59 -21.05 11.83
C MET A 48 2.21 -20.02 12.78
N GLY A 49 1.84 -20.08 14.04
CA GLY A 49 2.40 -19.21 15.05
C GLY A 49 3.90 -19.40 15.16
N LEU A 50 4.32 -20.65 15.08
CA LEU A 50 5.74 -20.98 15.12
C LEU A 50 6.48 -20.50 13.87
N LEU A 51 5.89 -20.76 12.70
CA LEU A 51 6.52 -20.39 11.45
C LEU A 51 6.60 -18.87 11.32
N THR A 52 5.52 -18.19 11.68
CA THR A 52 5.45 -16.73 11.61
C THR A 52 6.45 -16.07 12.55
N ASN A 53 6.52 -16.57 13.78
CA ASN A 53 7.48 -16.03 14.75
C ASN A 53 8.89 -16.20 14.25
N LEU A 54 9.18 -17.39 13.73
CA LEU A 54 10.49 -17.68 13.17
C LEU A 54 10.82 -16.72 12.02
N ALA A 55 9.88 -16.59 11.08
CA ALA A 55 10.11 -15.70 9.93
C ALA A 55 10.35 -14.26 10.38
N ASP A 56 9.55 -13.82 11.35
CA ASP A 56 9.69 -12.46 11.88
C ASP A 56 11.10 -12.22 12.41
N ARG A 57 11.64 -13.22 13.11
CA ARG A 57 12.96 -13.08 13.69
C ARG A 57 14.05 -13.15 12.62
N GLU A 58 13.80 -13.89 11.55
CA GLU A 58 14.77 -13.97 10.47
C GLU A 58 14.80 -12.70 9.63
N LEU A 59 13.69 -11.97 9.60
CA LEU A 59 13.60 -10.80 8.75
C LEU A 59 14.69 -9.80 9.13
N VAL A 60 14.87 -9.61 10.43
CA VAL A 60 15.88 -8.69 10.92
C VAL A 60 17.24 -9.05 10.34
N HIS A 61 17.58 -10.33 10.44
CA HIS A 61 18.86 -10.81 9.91
C HIS A 61 18.94 -10.75 8.40
N MET A 62 17.79 -10.77 7.74
CA MET A 62 17.76 -10.72 6.28
C MET A 62 18.16 -9.32 5.81
N ILE A 63 17.68 -8.30 6.52
CA ILE A 63 18.08 -6.93 6.23
C ILE A 63 19.60 -6.79 6.32
N ASN A 64 20.17 -7.29 7.41
CA ASN A 64 21.60 -7.25 7.60
C ASN A 64 22.32 -7.89 6.44
N TRP A 65 21.82 -9.07 6.05
CA TRP A 65 22.38 -9.78 4.92
C TRP A 65 22.27 -8.95 3.66
N ALA A 66 21.06 -8.48 3.36
CA ALA A 66 20.79 -7.71 2.15
C ALA A 66 21.76 -6.55 1.97
N LYS A 67 21.97 -5.79 3.04
CA LYS A 67 22.86 -4.63 3.00
C LYS A 67 24.30 -5.00 2.62
N ARG A 68 24.66 -6.26 2.83
CA ARG A 68 25.99 -6.74 2.47
C ARG A 68 26.06 -7.39 1.08
N VAL A 69 24.93 -7.53 0.42
CA VAL A 69 24.93 -8.02 -0.96
C VAL A 69 25.50 -6.91 -1.83
N PRO A 70 26.63 -7.18 -2.49
CA PRO A 70 27.27 -6.13 -3.29
C PRO A 70 26.28 -5.44 -4.22
N GLY A 71 26.19 -4.11 -4.13
CA GLY A 71 25.34 -3.35 -5.01
C GLY A 71 23.99 -2.97 -4.42
N PHE A 72 23.56 -3.67 -3.38
CA PHE A 72 22.24 -3.43 -2.80
C PHE A 72 22.11 -2.02 -2.21
N VAL A 73 23.11 -1.58 -1.46
CA VAL A 73 23.05 -0.26 -0.83
C VAL A 73 23.29 0.90 -1.80
N ASP A 74 23.69 0.59 -3.03
CA ASP A 74 23.85 1.62 -4.05
C ASP A 74 22.48 2.14 -4.48
N LEU A 75 21.44 1.39 -4.16
CA LEU A 75 20.06 1.75 -4.54
C LEU A 75 19.46 2.71 -3.53
N THR A 76 18.39 3.40 -3.93
CA THR A 76 17.69 4.26 -3.00
C THR A 76 17.00 3.38 -1.96
N ARG A 77 16.67 3.96 -0.81
CA ARG A 77 16.00 3.23 0.25
C ARG A 77 14.68 2.66 -0.26
N HIS A 78 13.97 3.46 -1.05
CA HIS A 78 12.69 3.03 -1.61
C HIS A 78 12.84 1.74 -2.40
N ASP A 79 13.83 1.71 -3.29
CA ASP A 79 14.08 0.53 -4.11
C ASP A 79 14.57 -0.64 -3.28
N GLN A 80 15.35 -0.34 -2.24
CA GLN A 80 15.82 -1.39 -1.34
C GLN A 80 14.63 -2.04 -0.65
N VAL A 81 13.66 -1.24 -0.25
CA VAL A 81 12.46 -1.76 0.40
C VAL A 81 11.62 -2.57 -0.58
N HIS A 82 11.43 -2.02 -1.78
CA HIS A 82 10.63 -2.68 -2.80
C HIS A 82 11.17 -4.08 -3.12
N LEU A 83 12.49 -4.22 -3.20
CA LEU A 83 13.09 -5.53 -3.48
C LEU A 83 12.84 -6.52 -2.33
N LEU A 84 12.96 -6.05 -1.10
CA LEU A 84 12.73 -6.89 0.06
C LEU A 84 11.26 -7.27 0.21
N GLU A 85 10.37 -6.31 0.04
CA GLU A 85 8.93 -6.56 -0.02
C GLU A 85 8.63 -7.76 -0.91
N CYS A 86 9.12 -7.70 -2.14
CA CYS A 86 8.78 -8.68 -3.17
C CYS A 86 9.44 -10.04 -2.92
N ALA A 87 10.58 -10.03 -2.23
CA ALA A 87 11.46 -11.20 -2.19
C ALA A 87 11.58 -11.93 -0.85
N TRP A 88 11.12 -11.32 0.24
CA TRP A 88 11.41 -11.90 1.54
C TRP A 88 11.04 -13.39 1.67
N LEU A 89 9.85 -13.77 1.20
CA LEU A 89 9.43 -15.16 1.37
C LEU A 89 10.22 -16.12 0.47
N GLU A 90 10.47 -15.70 -0.77
CA GLU A 90 11.33 -16.47 -1.66
C GLU A 90 12.68 -16.71 -1.00
N ILE A 91 13.24 -15.65 -0.43
CA ILE A 91 14.52 -15.74 0.27
C ILE A 91 14.46 -16.72 1.43
N LEU A 92 13.40 -16.63 2.24
CA LEU A 92 13.26 -17.58 3.35
C LEU A 92 13.12 -19.01 2.83
N MET A 93 12.35 -19.18 1.75
CA MET A 93 12.10 -20.51 1.21
C MET A 93 13.34 -21.17 0.63
N ILE A 94 14.16 -20.42 -0.11
CA ILE A 94 15.37 -21.02 -0.68
C ILE A 94 16.31 -21.42 0.45
N GLY A 95 16.37 -20.58 1.49
CA GLY A 95 17.09 -20.93 2.71
C GLY A 95 16.60 -22.25 3.28
N LEU A 96 15.28 -22.41 3.34
CA LEU A 96 14.67 -23.63 3.86
C LEU A 96 15.01 -24.85 3.02
N VAL A 97 14.95 -24.68 1.71
CA VAL A 97 15.23 -25.77 0.79
C VAL A 97 16.71 -26.18 0.84
N TRP A 98 17.59 -25.20 1.01
CA TRP A 98 19.02 -25.49 1.22
C TRP A 98 19.23 -26.31 2.49
N ARG A 99 18.66 -25.86 3.61
CA ARG A 99 18.81 -26.55 4.89
C ARG A 99 18.29 -27.98 4.82
N SER A 100 17.24 -28.20 4.04
CA SER A 100 16.51 -29.46 4.06
C SER A 100 17.11 -30.53 3.16
N MET A 101 18.12 -30.15 2.38
CA MET A 101 18.68 -31.04 1.36
C MET A 101 19.03 -32.46 1.83
N GLU A 102 19.71 -32.57 2.97
CA GLU A 102 20.08 -33.89 3.46
C GLU A 102 19.10 -34.44 4.50
N HIS A 103 17.85 -34.03 4.38
CA HIS A 103 16.77 -34.61 5.18
C HIS A 103 15.61 -34.95 4.25
N PRO A 104 15.79 -35.99 3.43
CA PRO A 104 14.75 -36.42 2.47
C PRO A 104 13.41 -36.64 3.14
N GLY A 105 12.36 -36.10 2.55
CA GLY A 105 11.02 -36.26 3.08
C GLY A 105 10.66 -35.27 4.18
N LYS A 106 11.61 -34.41 4.53
CA LYS A 106 11.38 -33.46 5.63
C LYS A 106 11.87 -32.05 5.30
N LEU A 107 11.32 -31.09 6.03
CA LEU A 107 11.72 -29.68 5.89
C LEU A 107 12.28 -29.17 7.21
N LEU A 108 13.53 -28.73 7.17
CA LEU A 108 14.22 -28.25 8.36
C LEU A 108 14.00 -26.74 8.51
N PHE A 109 12.84 -26.36 9.04
CA PHE A 109 12.52 -24.95 9.23
C PHE A 109 13.48 -24.36 10.24
N ALA A 110 13.86 -25.17 11.22
CA ALA A 110 14.85 -24.82 12.23
C ALA A 110 15.45 -26.13 12.76
N PRO A 111 16.64 -26.07 13.36
CA PRO A 111 17.24 -27.33 13.81
C PRO A 111 16.36 -28.07 14.81
N ASN A 112 15.49 -27.33 15.50
CA ASN A 112 14.57 -27.92 16.46
C ASN A 112 13.16 -28.00 15.90
N LEU A 113 13.03 -27.79 14.60
CA LEU A 113 11.73 -27.92 13.96
C LEU A 113 11.86 -28.60 12.61
N LEU A 114 12.04 -29.91 12.65
CA LEU A 114 12.17 -30.73 11.46
C LEU A 114 10.85 -31.46 11.23
N LEU A 115 10.16 -31.10 10.16
CA LEU A 115 8.80 -31.62 9.93
C LEU A 115 8.67 -32.48 8.67
N ASP A 116 7.96 -33.60 8.80
CA ASP A 116 7.56 -34.36 7.62
C ASP A 116 6.18 -33.91 7.16
N ARG A 117 5.73 -34.39 6.01
CA ARG A 117 4.53 -33.81 5.38
C ARG A 117 3.22 -34.08 6.14
N ASN A 118 3.30 -34.87 7.21
CA ASN A 118 2.10 -35.15 8.00
C ASN A 118 2.07 -34.47 9.36
N GLN A 119 3.24 -34.28 9.97
CA GLN A 119 3.34 -33.77 11.34
C GLN A 119 2.54 -32.50 11.59
N GLY A 120 3.01 -31.38 11.04
CA GLY A 120 2.31 -30.12 11.21
C GLY A 120 0.87 -30.21 10.71
N LYS A 121 -0.04 -29.54 11.40
CA LYS A 121 -1.43 -29.48 10.96
C LYS A 121 -1.58 -28.38 9.92
N CME A 122 -2.03 -28.73 8.71
CA CME A 122 -2.07 -27.78 7.63
CB CME A 122 -0.94 -28.03 6.68
SG CME A 122 0.73 -27.73 7.17
SD CME A 122 1.84 -28.88 5.96
CE CME A 122 2.13 -30.45 6.76
CZ CME A 122 3.15 -30.46 7.83
OH CME A 122 3.43 -31.66 8.43
C CME A 122 -3.29 -27.89 6.76
O CME A 122 -3.84 -28.97 6.59
N VAL A 123 -3.68 -26.76 6.20
CA VAL A 123 -4.68 -26.73 5.14
C VAL A 123 -4.13 -27.51 3.94
N GLU A 124 -5.03 -28.07 3.13
CA GLU A 124 -4.59 -28.86 1.97
C GLU A 124 -3.87 -27.99 0.94
N GLY A 125 -4.13 -26.69 0.95
CA GLY A 125 -3.37 -25.77 0.12
C GLY A 125 -1.94 -25.69 0.63
N MET A 126 -1.80 -25.85 1.94
CA MET A 126 -0.49 -25.82 2.58
C MET A 126 0.32 -27.07 2.24
N VAL A 127 -0.34 -28.21 2.19
CA VAL A 127 0.38 -29.45 1.91
C VAL A 127 0.93 -29.47 0.49
N GLU A 128 0.25 -28.78 -0.42
CA GLU A 128 0.75 -28.63 -1.78
C GLU A 128 2.08 -27.88 -1.76
N ILE A 129 2.11 -26.77 -1.03
CA ILE A 129 3.33 -25.96 -0.90
C ILE A 129 4.44 -26.77 -0.24
N PHE A 130 4.08 -27.48 0.82
CA PHE A 130 5.02 -28.34 1.51
C PHE A 130 5.60 -29.33 0.50
N ASP A 131 4.72 -29.98 -0.26
CA ASP A 131 5.13 -30.92 -1.28
C ASP A 131 6.05 -30.27 -2.31
N MET A 132 5.77 -29.02 -2.64
CA MET A 132 6.61 -28.30 -3.60
C MET A 132 7.99 -27.97 -3.02
N LEU A 133 8.01 -27.61 -1.74
CA LEU A 133 9.28 -27.30 -1.08
C LEU A 133 10.17 -28.53 -1.03
N LEU A 134 9.57 -29.66 -0.65
CA LEU A 134 10.27 -30.95 -0.66
C LEU A 134 10.87 -31.28 -2.02
N ALA A 135 10.07 -31.09 -3.08
CA ALA A 135 10.53 -31.38 -4.44
C ALA A 135 11.75 -30.54 -4.79
N THR A 136 11.64 -29.24 -4.53
CA THR A 136 12.73 -28.32 -4.82
C THR A 136 14.00 -28.76 -4.09
N SER A 137 13.84 -29.14 -2.83
CA SER A 137 14.98 -29.58 -2.04
C SER A 137 15.62 -30.83 -2.63
N SER A 138 14.80 -31.77 -3.08
CA SER A 138 15.30 -32.97 -3.74
C SER A 138 16.06 -32.61 -5.01
N ARG A 139 15.50 -31.68 -5.78
CA ARG A 139 16.14 -31.25 -7.01
C ARG A 139 17.54 -30.72 -6.73
N PHE A 140 17.67 -29.88 -5.72
CA PHE A 140 18.97 -29.34 -5.35
C PHE A 140 19.91 -30.45 -4.91
N ARG A 141 19.37 -31.41 -4.17
CA ARG A 141 20.13 -32.57 -3.75
C ARG A 141 20.64 -33.28 -5.00
N MET A 142 19.75 -33.53 -5.96
CA MET A 142 20.11 -34.26 -7.17
C MET A 142 21.19 -33.54 -7.95
N MET A 143 21.07 -32.21 -8.02
CA MET A 143 22.03 -31.40 -8.75
C MET A 143 23.34 -31.20 -8.00
N ASN A 144 23.36 -31.65 -6.74
CA ASN A 144 24.54 -31.47 -5.91
C ASN A 144 24.87 -29.98 -5.77
N LEU A 145 23.85 -29.17 -5.55
CA LEU A 145 24.02 -27.74 -5.41
C LEU A 145 25.11 -27.42 -4.39
N GLN A 146 25.98 -26.47 -4.74
CA GLN A 146 27.07 -26.06 -3.84
C GLN A 146 26.74 -24.76 -3.07
N GLY A 147 27.30 -24.64 -1.87
CA GLY A 147 27.09 -23.47 -1.04
C GLY A 147 27.41 -22.18 -1.78
N GLU A 148 28.51 -22.17 -2.52
CA GLU A 148 28.89 -21.00 -3.29
C GLU A 148 27.86 -20.63 -4.35
N GLU A 149 27.18 -21.64 -4.90
CA GLU A 149 26.14 -21.43 -5.90
C GLU A 149 24.85 -20.93 -5.24
N PHE A 150 24.57 -21.49 -4.06
CA PHE A 150 23.41 -21.11 -3.28
C PHE A 150 23.38 -19.60 -2.95
N VAL A 151 24.49 -19.08 -2.44
CA VAL A 151 24.54 -17.65 -2.09
C VAL A 151 24.36 -16.77 -3.32
N CYS A 152 24.88 -17.21 -4.46
CA CYS A 152 24.64 -16.50 -5.71
C CYS A 152 23.15 -16.49 -6.05
N LEU A 153 22.51 -17.65 -5.95
CA LEU A 153 21.08 -17.76 -6.30
C LEU A 153 20.20 -16.93 -5.38
N LYS A 154 20.52 -16.94 -4.09
CA LYS A 154 19.77 -16.17 -3.13
C LYS A 154 19.89 -14.66 -3.41
N SER A 155 21.08 -14.22 -3.79
CA SER A 155 21.30 -12.81 -4.13
C SER A 155 20.59 -12.44 -5.43
N ILE A 156 20.58 -13.36 -6.37
CA ILE A 156 19.82 -13.15 -7.60
C ILE A 156 18.34 -12.96 -7.31
N ILE A 157 17.79 -13.76 -6.41
CA ILE A 157 16.39 -13.64 -6.04
C ILE A 157 16.08 -12.25 -5.48
N LEU A 158 16.99 -11.76 -4.65
CA LEU A 158 16.84 -10.47 -4.00
C LEU A 158 16.81 -9.34 -5.02
N LEU A 159 17.74 -9.37 -5.96
CA LEU A 159 17.85 -8.31 -6.95
C LEU A 159 16.81 -8.45 -8.06
N ASN A 160 16.46 -9.68 -8.40
CA ASN A 160 15.60 -9.92 -9.57
C ASN A 160 14.09 -9.80 -9.31
N SER A 161 13.64 -10.25 -8.15
CA SER A 161 12.20 -10.44 -7.94
C SER A 161 11.32 -9.20 -8.07
N GLY A 162 11.82 -8.06 -7.61
CA GLY A 162 11.04 -6.84 -7.64
C GLY A 162 11.48 -5.81 -8.67
N VAL A 163 12.44 -6.16 -9.51
CA VAL A 163 13.01 -5.19 -10.45
C VAL A 163 12.06 -4.77 -11.58
N TYR A 164 11.28 -5.72 -12.10
CA TYR A 164 10.41 -5.44 -13.24
C TYR A 164 9.22 -4.56 -12.85
N THR A 165 9.07 -4.28 -11.56
CA THR A 165 7.95 -3.48 -11.10
C THR A 165 8.41 -2.19 -10.42
N PHE A 166 9.45 -1.57 -10.97
CA PHE A 166 9.89 -0.25 -10.50
C PHE A 166 8.98 0.79 -11.10
N LEU A 167 8.83 0.61 -12.42
CA LEU A 167 8.00 1.39 -13.34
C LEU A 167 7.50 2.75 -12.87
N SER A 168 8.14 3.83 -13.33
CA SER A 168 9.31 3.77 -14.21
C SER A 168 9.74 5.19 -14.57
N SER A 169 9.58 5.54 -15.84
CA SER A 169 9.85 6.89 -16.34
C SER A 169 11.22 7.43 -15.95
N THR A 170 11.23 8.45 -15.09
CA THR A 170 12.45 9.13 -14.65
C THR A 170 13.78 8.43 -14.96
N LEU A 171 14.74 9.23 -15.42
CA LEU A 171 16.10 8.77 -15.68
C LEU A 171 16.69 8.00 -14.50
N LYS A 172 16.42 8.49 -13.29
CA LYS A 172 16.91 7.85 -12.08
C LYS A 172 16.34 6.43 -11.95
N SER A 173 15.05 6.28 -12.23
CA SER A 173 14.41 4.98 -12.18
C SER A 173 15.08 4.02 -13.16
N LEU A 174 15.43 4.54 -14.32
CA LEU A 174 16.13 3.75 -15.33
C LEU A 174 17.52 3.36 -14.86
N GLU A 175 18.24 4.33 -14.27
CA GLU A 175 19.55 4.05 -13.72
C GLU A 175 19.50 2.92 -12.69
N GLU A 176 18.57 3.02 -11.75
CA GLU A 176 18.38 1.99 -10.74
C GLU A 176 18.20 0.60 -11.37
N LYS A 177 17.32 0.53 -12.37
CA LYS A 177 17.08 -0.72 -13.08
C LYS A 177 18.35 -1.18 -13.79
N ASP A 178 19.05 -0.24 -14.41
CA ASP A 178 20.28 -0.56 -15.12
C ASP A 178 21.35 -1.10 -14.18
N HIS A 179 21.50 -0.47 -13.02
CA HIS A 179 22.47 -0.90 -12.03
C HIS A 179 22.16 -2.31 -11.52
N ILE A 180 20.88 -2.59 -11.28
CA ILE A 180 20.45 -3.90 -10.84
C ILE A 180 20.83 -4.98 -11.85
N HIS A 181 20.58 -4.68 -13.13
CA HIS A 181 20.86 -5.66 -14.18
C HIS A 181 22.37 -5.90 -14.32
N ARG A 182 23.16 -4.86 -14.13
CA ARG A 182 24.61 -5.01 -14.17
C ARG A 182 25.14 -5.87 -13.03
N VAL A 183 24.63 -5.63 -11.82
CA VAL A 183 24.97 -6.48 -10.68
C VAL A 183 24.50 -7.92 -10.90
N LEU A 184 23.31 -8.08 -11.47
CA LEU A 184 22.83 -9.41 -11.84
C LEU A 184 23.83 -10.09 -12.77
N ASP A 185 24.31 -9.35 -13.76
CA ASP A 185 25.28 -9.84 -14.74
C ASP A 185 26.56 -10.32 -14.03
N LYS A 186 27.03 -9.55 -13.05
CA LYS A 186 28.24 -9.92 -12.33
C LYS A 186 28.03 -11.22 -11.54
N ILE A 187 26.84 -11.40 -10.99
CA ILE A 187 26.54 -12.63 -10.25
C ILE A 187 26.45 -13.83 -11.21
N THR A 188 25.89 -13.61 -12.40
CA THR A 188 25.91 -14.62 -13.44
C THR A 188 27.35 -15.03 -13.77
N ASP A 189 28.18 -14.02 -14.04
CA ASP A 189 29.62 -14.24 -14.26
C ASP A 189 30.20 -15.13 -13.16
N THR A 190 29.88 -14.79 -11.92
CA THR A 190 30.38 -15.51 -10.76
C THR A 190 29.95 -16.98 -10.76
N LEU A 191 28.66 -17.23 -11.00
CA LEU A 191 28.17 -18.60 -11.11
C LEU A 191 28.96 -19.39 -12.15
N ILE A 192 29.12 -18.83 -13.34
CA ILE A 192 29.86 -19.48 -14.40
C ILE A 192 31.31 -19.73 -13.98
N HIS A 193 31.93 -18.72 -13.38
CA HIS A 193 33.30 -18.86 -12.91
C HIS A 193 33.44 -20.05 -11.94
N LEU A 194 32.50 -20.18 -11.01
CA LEU A 194 32.50 -21.31 -10.10
C LEU A 194 32.43 -22.64 -10.85
N MET A 195 31.51 -22.72 -11.83
CA MET A 195 31.31 -23.93 -12.61
C MET A 195 32.54 -24.32 -13.44
N ALA A 196 33.15 -23.33 -14.09
CA ALA A 196 34.36 -23.58 -14.87
C ALA A 196 35.49 -24.02 -13.97
N LYS A 197 35.70 -23.26 -12.90
CA LYS A 197 36.68 -23.56 -11.88
C LYS A 197 36.53 -25.00 -11.41
N ALA A 198 35.29 -25.47 -11.35
CA ALA A 198 34.99 -26.82 -10.87
C ALA A 198 35.33 -27.87 -11.93
N GLY A 199 35.46 -27.41 -13.17
CA GLY A 199 35.89 -28.27 -14.26
C GLY A 199 34.79 -28.74 -15.21
N LEU A 200 33.65 -28.07 -15.18
CA LEU A 200 32.58 -28.36 -16.11
C LEU A 200 32.91 -27.80 -17.50
N THR A 201 32.51 -28.50 -18.55
CA THR A 201 32.69 -27.99 -19.90
C THR A 201 31.83 -26.75 -20.08
N LEU A 202 32.05 -26.03 -21.16
CA LEU A 202 31.24 -24.86 -21.47
C LEU A 202 29.76 -25.22 -21.61
N GLN A 203 29.50 -26.36 -22.26
CA GLN A 203 28.12 -26.81 -22.47
C GLN A 203 27.45 -27.13 -21.14
N GLN A 204 28.16 -27.85 -20.28
CA GLN A 204 27.64 -28.19 -18.96
C GLN A 204 27.44 -26.95 -18.11
N GLN A 205 28.36 -26.00 -18.24
CA GLN A 205 28.25 -24.74 -17.53
C GLN A 205 26.96 -24.03 -17.88
N HIS A 206 26.71 -23.88 -19.18
CA HIS A 206 25.54 -23.15 -19.64
CA HIS A 206 25.55 -23.15 -19.65
C HIS A 206 24.23 -23.88 -19.32
N GLN A 207 24.30 -25.21 -19.32
CA GLN A 207 23.12 -26.00 -18.98
C GLN A 207 22.81 -25.92 -17.49
N ARG A 208 23.85 -25.98 -16.66
CA ARG A 208 23.65 -25.95 -15.22
C ARG A 208 23.10 -24.60 -14.78
N LEU A 209 23.68 -23.53 -15.33
CA LEU A 209 23.20 -22.19 -15.04
C LEU A 209 21.71 -22.11 -15.31
N ALA A 210 21.29 -22.56 -16.48
CA ALA A 210 19.88 -22.52 -16.85
C ALA A 210 19.05 -23.38 -15.90
N GLN A 211 19.52 -24.58 -15.60
CA GLN A 211 18.79 -25.46 -14.69
C GLN A 211 18.54 -24.76 -13.36
N LEU A 212 19.55 -24.04 -12.87
CA LEU A 212 19.44 -23.36 -11.58
C LEU A 212 18.45 -22.21 -11.63
N LEU A 213 18.54 -21.39 -12.68
CA LEU A 213 17.67 -20.23 -12.80
C LEU A 213 16.21 -20.59 -13.02
N LEU A 214 15.97 -21.70 -13.72
CA LEU A 214 14.62 -22.18 -13.95
C LEU A 214 13.96 -22.57 -12.63
N ILE A 215 14.75 -23.10 -11.71
CA ILE A 215 14.25 -23.45 -10.38
C ILE A 215 13.75 -22.20 -9.66
N LEU A 216 14.33 -21.04 -9.97
CA LEU A 216 13.90 -19.81 -9.33
C LEU A 216 12.44 -19.49 -9.65
N SER A 217 11.99 -19.88 -10.84
CA SER A 217 10.61 -19.61 -11.22
C SER A 217 9.65 -20.41 -10.35
N HIS A 218 10.05 -21.64 -10.02
CA HIS A 218 9.28 -22.47 -9.10
C HIS A 218 9.28 -21.85 -7.72
N ILE A 219 10.43 -21.32 -7.29
CA ILE A 219 10.51 -20.68 -5.98
C ILE A 219 9.57 -19.48 -5.94
N ARG A 220 9.50 -18.74 -7.05
CA ARG A 220 8.59 -17.60 -7.14
C ARG A 220 7.15 -18.10 -7.01
N HIS A 221 6.85 -19.24 -7.63
CA HIS A 221 5.51 -19.81 -7.56
C HIS A 221 5.14 -20.17 -6.12
N MET A 222 6.04 -20.88 -5.44
CA MET A 222 5.80 -21.28 -4.05
C MET A 222 5.57 -20.05 -3.17
N SER A 223 6.38 -19.02 -3.35
CA SER A 223 6.21 -17.78 -2.60
C SER A 223 4.85 -17.15 -2.88
N ASN A 224 4.48 -17.06 -4.15
CA ASN A 224 3.18 -16.51 -4.51
C ASN A 224 2.05 -17.24 -3.80
N LYS A 225 2.14 -18.57 -3.75
CA LYS A 225 1.13 -19.38 -3.08
C LYS A 225 1.13 -19.13 -1.57
N GLY A 226 2.32 -19.08 -0.99
CA GLY A 226 2.47 -18.82 0.44
C GLY A 226 1.99 -17.44 0.81
N MET A 227 2.38 -16.44 0.02
CA MET A 227 1.95 -15.07 0.25
C MET A 227 0.43 -15.01 0.22
N GLU A 228 -0.16 -15.78 -0.68
CA GLU A 228 -1.61 -15.86 -0.84
C GLU A 228 -2.26 -16.32 0.44
N HIS A 229 -1.72 -17.39 1.02
CA HIS A 229 -2.25 -17.94 2.27
C HIS A 229 -2.09 -16.95 3.42
N LEU A 230 -0.92 -16.31 3.49
CA LEU A 230 -0.63 -15.31 4.50
C LEU A 230 -1.67 -14.18 4.53
N TYR A 231 -2.11 -13.76 3.35
CA TYR A 231 -3.08 -12.67 3.25
C TYR A 231 -4.49 -13.11 3.62
N SER A 232 -4.73 -14.42 3.61
CA SER A 232 -6.06 -14.95 3.93
C SER A 232 -6.24 -15.17 5.43
N MET A 233 -5.23 -14.78 6.20
CA MET A 233 -5.29 -14.89 7.66
C MET A 233 -5.77 -13.57 8.25
N LYS A 234 -6.86 -13.63 9.00
CA LYS A 234 -7.44 -12.44 9.63
C LYS A 234 -6.58 -11.93 10.78
N CYS A 235 -5.28 -12.17 10.71
CA CYS A 235 -4.35 -11.70 11.74
C CYS A 235 -3.71 -10.38 11.35
N LYS A 236 -4.16 -9.82 10.24
CA LYS A 236 -3.72 -8.51 9.79
C LYS A 236 -2.21 -8.36 9.72
N ASN A 237 -1.49 -9.46 9.98
CA ASN A 237 -0.04 -9.39 9.95
C ASN A 237 0.73 -10.69 10.20
N VAL A 238 1.60 -10.98 9.25
CA VAL A 238 2.89 -11.60 9.46
C VAL A 238 3.68 -11.08 8.28
N VAL A 239 2.94 -10.50 7.35
CA VAL A 239 3.50 -9.85 6.18
C VAL A 239 4.07 -8.48 6.58
N PRO A 240 5.39 -8.31 6.45
CA PRO A 240 6.04 -7.06 6.84
C PRO A 240 5.61 -5.92 5.93
N SER A 241 5.26 -4.77 6.51
CA SER A 241 4.81 -3.63 5.72
C SER A 241 5.99 -2.90 5.11
N TYR A 242 5.69 -2.01 4.17
CA TYR A 242 6.70 -1.15 3.56
C TYR A 242 7.37 -0.30 4.64
N ASP A 243 6.55 0.26 5.53
CA ASP A 243 7.06 1.14 6.59
C ASP A 243 7.95 0.36 7.56
N LEU A 244 7.53 -0.85 7.89
CA LEU A 244 8.32 -1.69 8.77
C LEU A 244 9.69 -1.97 8.17
N LEU A 245 9.70 -2.39 6.90
CA LEU A 245 10.94 -2.72 6.21
C LEU A 245 11.86 -1.50 6.09
N LEU A 246 11.26 -0.35 5.81
CA LEU A 246 12.02 0.89 5.72
C LEU A 246 12.64 1.25 7.07
N GLU A 247 11.83 1.20 8.12
CA GLU A 247 12.33 1.43 9.46
C GLU A 247 13.56 0.57 9.71
N MET A 248 13.41 -0.73 9.48
CA MET A 248 14.48 -1.69 9.71
C MET A 248 15.74 -1.41 8.91
N LEU A 249 15.57 -0.79 7.75
CA LEU A 249 16.71 -0.51 6.87
C LEU A 249 17.63 0.59 7.41
N ASP A 250 17.05 1.60 8.04
CA ASP A 250 17.85 2.65 8.65
C ASP A 250 18.72 2.04 9.74
N ALA A 251 20.01 1.84 9.42
CA ALA A 251 20.96 1.15 10.28
C ALA A 251 20.38 0.75 11.63
N LEU B 11 17.89 27.62 8.63
CA LEU B 11 16.85 26.60 8.73
C LEU B 11 15.50 27.22 9.07
N ALA B 12 14.43 26.47 8.80
CA ALA B 12 13.07 26.98 8.97
C ALA B 12 12.76 27.48 10.37
N LEU B 13 13.32 26.82 11.38
CA LEU B 13 13.00 27.14 12.77
C LEU B 13 13.55 28.50 13.23
N SER B 14 14.39 29.11 12.40
CA SER B 14 14.99 30.41 12.74
C SER B 14 14.24 31.60 12.13
N LEU B 15 13.31 31.32 11.23
CA LEU B 15 12.54 32.38 10.59
C LEU B 15 11.71 33.19 11.58
N THR B 16 11.62 34.49 11.34
CA THR B 16 10.70 35.33 12.09
C THR B 16 9.31 35.13 11.51
N ALA B 17 8.30 35.68 12.19
CA ALA B 17 6.94 35.60 11.66
C ALA B 17 6.86 36.28 10.30
N ASP B 18 7.47 37.46 10.20
CA ASP B 18 7.46 38.21 8.94
C ASP B 18 8.14 37.43 7.82
N GLN B 19 9.18 36.67 8.17
CA GLN B 19 9.92 35.91 7.18
C GLN B 19 9.14 34.68 6.75
N MET B 20 8.38 34.11 7.69
CA MET B 20 7.56 32.94 7.41
C MET B 20 6.42 33.29 6.47
N VAL B 21 5.74 34.39 6.75
CA VAL B 21 4.66 34.88 5.91
C VAL B 21 5.12 35.12 4.47
N SER B 22 6.28 35.78 4.34
CA SER B 22 6.82 36.11 3.02
C SER B 22 7.14 34.84 2.24
N ALA B 23 7.76 33.88 2.92
CA ALA B 23 8.11 32.62 2.29
C ALA B 23 6.87 31.89 1.80
N LEU B 24 5.82 31.89 2.62
CA LEU B 24 4.59 31.20 2.26
C LEU B 24 3.87 31.88 1.10
N LEU B 25 3.80 33.21 1.13
CA LEU B 25 3.16 33.95 0.06
C LEU B 25 3.87 33.73 -1.27
N ASP B 26 5.20 33.80 -1.25
CA ASP B 26 6.01 33.62 -2.45
C ASP B 26 5.86 32.20 -3.01
N ALA B 27 5.55 31.25 -2.14
CA ALA B 27 5.48 29.85 -2.53
C ALA B 27 4.16 29.49 -3.20
N GLU B 28 3.21 30.42 -3.18
CA GLU B 28 1.86 30.14 -3.66
C GLU B 28 1.85 29.57 -5.07
N PRO B 29 1.06 28.51 -5.28
CA PRO B 29 0.93 27.88 -6.60
C PRO B 29 0.05 28.73 -7.50
N PRO B 30 0.07 28.47 -8.81
CA PRO B 30 -0.77 29.25 -9.72
C PRO B 30 -2.20 28.71 -9.73
N ILE B 31 -3.13 29.53 -10.20
CA ILE B 31 -4.48 29.07 -10.45
C ILE B 31 -4.54 28.51 -11.87
N LEU B 32 -5.03 27.28 -12.00
CA LEU B 32 -5.13 26.64 -13.30
C LEU B 32 -6.55 26.71 -13.84
N TYR B 33 -6.68 26.50 -15.13
CA TYR B 33 -8.00 26.49 -15.76
C TYR B 33 -8.44 25.05 -15.95
N SER B 34 -9.74 24.84 -16.02
CA SER B 34 -10.28 23.54 -16.34
C SER B 34 -10.15 23.33 -17.85
N GLU B 35 -10.21 22.08 -18.27
CA GLU B 35 -10.17 21.76 -19.70
C GLU B 35 -11.17 22.67 -20.41
N TYR B 36 -10.69 23.41 -21.41
CA TYR B 36 -11.52 24.41 -22.06
C TYR B 36 -12.69 23.79 -22.82
N ASP B 37 -13.84 24.44 -22.73
CA ASP B 37 -14.99 24.13 -23.57
C ASP B 37 -15.36 22.67 -23.54
N PRO B 38 -15.79 22.18 -22.38
CA PRO B 38 -16.29 20.81 -22.32
C PRO B 38 -17.75 20.81 -22.74
N THR B 39 -18.28 19.64 -23.09
CA THR B 39 -19.69 19.52 -23.40
C THR B 39 -20.51 20.00 -22.21
N ARG B 40 -21.45 20.91 -22.47
CA ARG B 40 -22.43 21.30 -21.47
C ARG B 40 -23.80 21.05 -22.06
N PRO B 41 -24.74 20.53 -21.25
CA PRO B 41 -24.62 20.26 -19.82
C PRO B 41 -23.66 19.12 -19.52
N PHE B 42 -23.24 19.02 -18.26
CA PHE B 42 -22.36 17.94 -17.81
C PHE B 42 -23.16 16.69 -17.49
N SER B 43 -22.49 15.55 -17.53
CA SER B 43 -23.00 14.33 -16.90
C SER B 43 -22.15 14.11 -15.67
N GLU B 44 -22.51 13.12 -14.85
CA GLU B 44 -21.77 12.81 -13.63
C GLU B 44 -20.32 12.47 -13.93
N ALA B 45 -20.12 11.68 -14.97
CA ALA B 45 -18.79 11.26 -15.39
C ALA B 45 -17.99 12.43 -15.98
N SER B 46 -18.62 13.23 -16.83
CA SER B 46 -17.92 14.33 -17.49
C SER B 46 -17.38 15.34 -16.48
N MET B 47 -18.19 15.70 -15.49
CA MET B 47 -17.73 16.65 -14.48
C MET B 47 -16.56 16.06 -13.70
N MET B 48 -16.71 14.81 -13.27
CA MET B 48 -15.63 14.12 -12.56
C MET B 48 -14.35 14.09 -13.38
N GLY B 49 -14.50 13.88 -14.69
CA GLY B 49 -13.36 13.90 -15.59
C GLY B 49 -12.69 15.25 -15.56
N LEU B 50 -13.49 16.30 -15.51
CA LEU B 50 -12.96 17.65 -15.44
C LEU B 50 -12.28 17.93 -14.10
N LEU B 51 -12.91 17.54 -13.01
CA LEU B 51 -12.37 17.79 -11.68
C LEU B 51 -11.07 17.00 -11.48
N THR B 52 -11.09 15.74 -11.89
CA THR B 52 -9.94 14.86 -11.78
C THR B 52 -8.75 15.36 -12.59
N ASN B 53 -9.01 15.74 -13.85
CA ASN B 53 -7.95 16.28 -14.69
C ASN B 53 -7.34 17.50 -14.06
N LEU B 54 -8.20 18.39 -13.58
CA LEU B 54 -7.76 19.61 -12.92
C LEU B 54 -6.89 19.29 -11.71
N ALA B 55 -7.38 18.42 -10.85
CA ALA B 55 -6.64 18.04 -9.65
C ALA B 55 -5.29 17.44 -10.00
N ASP B 56 -5.26 16.58 -11.02
CA ASP B 56 -4.02 15.96 -11.46
C ASP B 56 -2.99 17.00 -11.86
N ARG B 57 -3.45 18.04 -12.55
CA ARG B 57 -2.54 19.10 -12.99
C ARG B 57 -2.09 19.97 -11.83
N GLU B 58 -2.94 20.13 -10.81
CA GLU B 58 -2.56 20.93 -9.66
C GLU B 58 -1.57 20.20 -8.77
N LEU B 59 -1.58 18.87 -8.83
CA LEU B 59 -0.74 18.09 -7.93
C LEU B 59 0.72 18.44 -8.15
N VAL B 60 1.11 18.54 -9.42
CA VAL B 60 2.47 18.88 -9.77
C VAL B 60 2.87 20.19 -9.10
N HIS B 61 2.01 21.20 -9.23
CA HIS B 61 2.28 22.49 -8.61
C HIS B 61 2.25 22.44 -7.09
N MET B 62 1.52 21.48 -6.53
CA MET B 62 1.42 21.37 -5.08
C MET B 62 2.74 20.87 -4.50
N ILE B 63 3.40 19.96 -5.22
CA ILE B 63 4.72 19.48 -4.84
C ILE B 63 5.69 20.66 -4.77
N ASN B 64 5.69 21.47 -5.83
CA ASN B 64 6.56 22.63 -5.89
C ASN B 64 6.30 23.52 -4.68
N TRP B 65 5.03 23.73 -4.38
CA TRP B 65 4.65 24.56 -3.23
C TRP B 65 5.16 23.94 -1.95
N ALA B 66 4.82 22.67 -1.74
CA ALA B 66 5.21 21.93 -0.54
C ALA B 66 6.69 22.08 -0.21
N LYS B 67 7.54 21.87 -1.22
CA LYS B 67 8.99 21.97 -1.05
C LYS B 67 9.45 23.33 -0.56
N ARG B 68 8.63 24.35 -0.78
CA ARG B 68 8.95 25.71 -0.34
C ARG B 68 8.34 26.07 1.01
N VAL B 69 7.52 25.18 1.57
CA VAL B 69 6.99 25.38 2.92
C VAL B 69 8.14 25.18 3.89
N PRO B 70 8.51 26.24 4.63
CA PRO B 70 9.66 26.13 5.54
C PRO B 70 9.58 24.87 6.41
N GLY B 71 10.63 24.06 6.36
CA GLY B 71 10.69 22.87 7.19
C GLY B 71 10.31 21.58 6.49
N PHE B 72 9.59 21.68 5.38
CA PHE B 72 9.12 20.49 4.69
C PHE B 72 10.26 19.62 4.17
N VAL B 73 11.26 20.23 3.54
CA VAL B 73 12.36 19.48 2.96
C VAL B 73 13.36 18.96 4.00
N ASP B 74 13.22 19.42 5.24
CA ASP B 74 14.05 18.91 6.33
C ASP B 74 13.69 17.46 6.65
N LEU B 75 12.51 17.04 6.20
CA LEU B 75 12.02 15.70 6.46
C LEU B 75 12.56 14.69 5.46
N THR B 76 12.49 13.41 5.80
CA THR B 76 12.88 12.39 4.84
C THR B 76 11.88 12.37 3.70
N ARG B 77 12.29 11.83 2.56
CA ARG B 77 11.42 11.73 1.40
C ARG B 77 10.16 10.95 1.76
N HIS B 78 10.34 9.87 2.52
CA HIS B 78 9.22 9.03 2.92
C HIS B 78 8.18 9.84 3.68
N ASP B 79 8.62 10.63 4.64
CA ASP B 79 7.71 11.44 5.43
C ASP B 79 7.10 12.56 4.59
N GLN B 80 7.88 13.10 3.65
CA GLN B 80 7.34 14.11 2.74
C GLN B 80 6.19 13.53 1.94
N VAL B 81 6.37 12.29 1.48
CA VAL B 81 5.33 11.64 0.70
C VAL B 81 4.10 11.34 1.56
N HIS B 82 4.33 10.85 2.76
CA HIS B 82 3.24 10.51 3.67
C HIS B 82 2.37 11.72 3.98
N LEU B 83 2.98 12.88 4.18
CA LEU B 83 2.21 14.09 4.44
C LEU B 83 1.38 14.49 3.22
N LEU B 84 1.95 14.38 2.03
CA LEU B 84 1.23 14.73 0.82
C LEU B 84 0.10 13.76 0.53
N GLU B 85 0.37 12.47 0.70
CA GLU B 85 -0.64 11.42 0.60
C GLU B 85 -1.89 11.79 1.39
N CYS B 86 -1.67 12.09 2.67
CA CYS B 86 -2.77 12.32 3.60
C CYS B 86 -3.49 13.65 3.35
N ALA B 87 -2.79 14.61 2.75
CA ALA B 87 -3.26 16.00 2.75
C ALA B 87 -3.67 16.58 1.39
N TRP B 88 -3.31 15.93 0.30
CA TRP B 88 -3.51 16.55 -1.02
C TRP B 88 -4.94 17.08 -1.23
N LEU B 89 -5.96 16.30 -0.91
CA LEU B 89 -7.33 16.73 -1.17
C LEU B 89 -7.75 17.88 -0.25
N GLU B 90 -7.42 17.77 1.03
CA GLU B 90 -7.64 18.88 1.96
C GLU B 90 -7.02 20.16 1.42
N ILE B 91 -5.79 20.05 0.94
CA ILE B 91 -5.07 21.20 0.37
C ILE B 91 -5.81 21.77 -0.83
N LEU B 92 -6.24 20.89 -1.74
CA LEU B 92 -7.01 21.36 -2.90
C LEU B 92 -8.30 22.03 -2.45
N MET B 93 -8.96 21.44 -1.46
CA MET B 93 -10.25 21.94 -0.99
C MET B 93 -10.18 23.30 -0.33
N ILE B 94 -9.17 23.53 0.51
CA ILE B 94 -9.05 24.84 1.16
C ILE B 94 -8.74 25.89 0.10
N GLY B 95 -7.93 25.51 -0.88
CA GLY B 95 -7.70 26.37 -2.04
C GLY B 95 -9.00 26.74 -2.72
N LEU B 96 -9.87 25.75 -2.91
CA LEU B 96 -11.17 25.95 -3.54
C LEU B 96 -12.07 26.88 -2.72
N VAL B 97 -12.04 26.68 -1.41
CA VAL B 97 -12.88 27.47 -0.53
C VAL B 97 -12.40 28.92 -0.48
N TRP B 98 -11.10 29.11 -0.52
CA TRP B 98 -10.51 30.45 -0.61
C TRP B 98 -10.95 31.16 -1.90
N ARG B 99 -10.80 30.50 -3.03
CA ARG B 99 -11.19 31.07 -4.32
C ARG B 99 -12.66 31.45 -4.37
N SER B 100 -13.49 30.67 -3.69
CA SER B 100 -14.95 30.78 -3.85
C SER B 100 -15.58 31.82 -2.93
N MET B 101 -14.77 32.42 -2.06
CA MET B 101 -15.28 33.32 -1.03
C MET B 101 -16.21 34.42 -1.53
N GLU B 102 -15.82 35.11 -2.61
CA GLU B 102 -16.67 36.18 -3.12
C GLU B 102 -17.57 35.74 -4.27
N HIS B 103 -17.94 34.45 -4.24
CA HIS B 103 -18.94 33.94 -5.16
C HIS B 103 -19.95 33.12 -4.36
N PRO B 104 -20.80 33.81 -3.58
CA PRO B 104 -21.81 33.16 -2.74
C PRO B 104 -22.68 32.19 -3.55
N GLY B 105 -22.87 30.99 -3.02
CA GLY B 105 -23.71 30.01 -3.68
C GLY B 105 -23.00 29.22 -4.78
N LYS B 106 -21.73 29.54 -5.00
CA LYS B 106 -20.97 28.87 -6.05
C LYS B 106 -19.56 28.46 -5.62
N LEU B 107 -19.01 27.49 -6.35
CA LEU B 107 -17.65 27.03 -6.11
C LEU B 107 -16.79 27.28 -7.35
N LEU B 108 -15.72 28.03 -7.17
CA LEU B 108 -14.84 28.40 -8.26
C LEU B 108 -13.70 27.39 -8.37
N PHE B 109 -13.99 26.24 -8.98
CA PHE B 109 -12.98 25.20 -9.14
C PHE B 109 -11.86 25.71 -10.04
N ALA B 110 -12.25 26.52 -11.01
CA ALA B 110 -11.31 27.21 -11.91
C ALA B 110 -12.01 28.46 -12.43
N PRO B 111 -11.25 29.44 -12.93
CA PRO B 111 -11.91 30.66 -13.39
C PRO B 111 -12.92 30.41 -14.51
N ASN B 112 -12.72 29.30 -15.23
CA ASN B 112 -13.64 28.93 -16.31
C ASN B 112 -14.54 27.78 -15.87
N LEU B 113 -14.55 27.49 -14.57
CA LEU B 113 -15.45 26.46 -14.06
C LEU B 113 -16.07 26.88 -12.73
N LEU B 114 -17.04 27.77 -12.83
CA LEU B 114 -17.74 28.28 -11.66
C LEU B 114 -19.10 27.58 -11.59
N LEU B 115 -19.30 26.76 -10.57
CA LEU B 115 -20.49 25.92 -10.48
C LEU B 115 -21.38 26.23 -9.29
N ASP B 116 -22.69 26.29 -9.53
CA ASP B 116 -23.66 26.33 -8.44
C ASP B 116 -24.10 24.91 -8.09
N ARG B 117 -24.85 24.75 -7.00
CA ARG B 117 -25.09 23.41 -6.47
C ARG B 117 -25.97 22.52 -7.34
N ASN B 118 -26.48 23.06 -8.44
CA ASN B 118 -27.32 22.29 -9.35
C ASN B 118 -26.66 21.94 -10.68
N GLN B 119 -25.79 22.82 -11.15
CA GLN B 119 -25.19 22.69 -12.48
C GLN B 119 -24.57 21.33 -12.75
N GLY B 120 -23.44 21.07 -12.11
CA GLY B 120 -22.76 19.81 -12.27
C GLY B 120 -23.69 18.65 -11.97
N LYS B 121 -23.60 17.61 -12.79
CA LYS B 121 -24.36 16.40 -12.57
C LYS B 121 -23.57 15.54 -11.59
N CME B 122 -24.06 15.44 -10.37
CA CME B 122 -23.34 14.72 -9.33
CB CME B 122 -22.54 15.68 -8.51
SG CME B 122 -23.46 16.64 -7.33
SD CME B 122 -22.66 18.47 -7.20
CE CME B 122 -22.84 19.28 -8.78
CZ CME B 122 -23.61 20.56 -8.81
OH CME B 122 -23.06 21.59 -9.52
C CME B 122 -24.26 13.94 -8.47
O CME B 122 -25.45 14.26 -8.36
N VAL B 123 -23.73 12.92 -7.82
CA VAL B 123 -24.49 12.03 -6.96
C VAL B 123 -24.86 12.67 -5.62
N GLU B 124 -25.96 12.19 -5.03
CA GLU B 124 -26.45 12.68 -3.75
C GLU B 124 -25.36 12.94 -2.70
N GLY B 125 -24.45 11.99 -2.54
CA GLY B 125 -23.36 12.12 -1.59
C GLY B 125 -22.45 13.27 -1.96
N MET B 126 -22.37 13.55 -3.26
CA MET B 126 -21.55 14.64 -3.77
C MET B 126 -22.15 15.99 -3.41
N VAL B 127 -23.48 16.09 -3.51
CA VAL B 127 -24.21 17.30 -3.18
C VAL B 127 -23.96 17.73 -1.74
N GLU B 128 -23.85 16.74 -0.85
CA GLU B 128 -23.56 17.00 0.55
C GLU B 128 -22.20 17.68 0.70
N ILE B 129 -21.19 17.11 0.04
CA ILE B 129 -19.85 17.68 0.06
C ILE B 129 -19.84 19.08 -0.56
N PHE B 130 -20.55 19.24 -1.67
CA PHE B 130 -20.67 20.53 -2.32
C PHE B 130 -21.25 21.52 -1.30
N ASP B 131 -22.33 21.12 -0.66
CA ASP B 131 -22.97 21.94 0.35
C ASP B 131 -22.02 22.28 1.49
N MET B 132 -21.16 21.33 1.86
CA MET B 132 -20.19 21.57 2.93
C MET B 132 -19.10 22.53 2.50
N LEU B 133 -18.67 22.43 1.24
CA LEU B 133 -17.66 23.32 0.70
C LEU B 133 -18.18 24.75 0.67
N LEU B 134 -19.41 24.93 0.21
CA LEU B 134 -20.08 26.23 0.21
C LEU B 134 -20.15 26.83 1.61
N ALA B 135 -20.53 26.01 2.59
CA ALA B 135 -20.64 26.48 3.97
C ALA B 135 -19.30 26.98 4.49
N THR B 136 -18.26 26.17 4.30
CA THR B 136 -16.91 26.56 4.69
C THR B 136 -16.50 27.89 4.06
N SER B 137 -16.80 28.04 2.77
CA SER B 137 -16.47 29.27 2.06
C SER B 137 -17.17 30.48 2.66
N SER B 138 -18.45 30.30 2.99
CA SER B 138 -19.21 31.36 3.64
C SER B 138 -18.60 31.72 4.99
N ARG B 139 -18.19 30.70 5.73
CA ARG B 139 -17.61 30.91 7.06
C ARG B 139 -16.36 31.78 6.95
N PHE B 140 -15.49 31.46 6.00
CA PHE B 140 -14.30 32.25 5.75
C PHE B 140 -14.67 33.67 5.35
N ARG B 141 -15.71 33.79 4.53
CA ARG B 141 -16.20 35.10 4.12
C ARG B 141 -16.60 35.88 5.37
N MET B 142 -17.38 35.23 6.23
CA MET B 142 -17.89 35.87 7.44
C MET B 142 -16.76 36.31 8.35
N MET B 143 -15.74 35.46 8.47
CA MET B 143 -14.61 35.77 9.34
C MET B 143 -13.65 36.77 8.71
N ASN B 144 -13.90 37.11 7.46
CA ASN B 144 -13.00 38.02 6.74
C ASN B 144 -11.59 37.46 6.69
N LEU B 145 -11.48 36.17 6.39
CA LEU B 145 -10.18 35.51 6.35
C LEU B 145 -9.23 36.28 5.44
N GLN B 146 -7.99 36.45 5.91
CA GLN B 146 -6.97 37.15 5.13
C GLN B 146 -6.01 36.19 4.40
N GLY B 147 -5.47 36.66 3.28
CA GLY B 147 -4.55 35.86 2.48
C GLY B 147 -3.39 35.36 3.31
N GLU B 148 -2.84 36.23 4.16
CA GLU B 148 -1.72 35.86 5.00
C GLU B 148 -2.09 34.74 5.98
N GLU B 149 -3.35 34.72 6.41
CA GLU B 149 -3.83 33.68 7.32
C GLU B 149 -4.08 32.38 6.57
N PHE B 150 -4.62 32.51 5.35
CA PHE B 150 -4.86 31.37 4.47
C PHE B 150 -3.61 30.54 4.21
N VAL B 151 -2.51 31.19 3.84
CA VAL B 151 -1.27 30.45 3.56
C VAL B 151 -0.75 29.73 4.80
N CYS B 152 -0.92 30.36 5.96
CA CYS B 152 -0.59 29.70 7.21
C CYS B 152 -1.44 28.44 7.41
N LEU B 153 -2.74 28.57 7.20
CA LEU B 153 -3.66 27.44 7.42
C LEU B 153 -3.38 26.28 6.46
N LYS B 154 -3.10 26.61 5.20
CA LYS B 154 -2.80 25.59 4.22
C LYS B 154 -1.52 24.84 4.58
N SER B 155 -0.52 25.56 5.09
CA SER B 155 0.74 24.93 5.51
C SER B 155 0.54 24.05 6.75
N ILE B 156 -0.31 24.52 7.66
CA ILE B 156 -0.68 23.72 8.83
C ILE B 156 -1.33 22.41 8.40
N ILE B 157 -2.20 22.46 7.39
CA ILE B 157 -2.86 21.26 6.91
C ILE B 157 -1.84 20.25 6.41
N LEU B 158 -0.85 20.77 5.69
CA LEU B 158 0.19 19.95 5.08
C LEU B 158 0.99 19.22 6.14
N LEU B 159 1.41 19.95 7.16
CA LEU B 159 2.26 19.38 8.20
C LEU B 159 1.47 18.57 9.22
N ASN B 160 0.22 18.97 9.48
CA ASN B 160 -0.57 18.32 10.53
C ASN B 160 -1.28 17.03 10.15
N SER B 161 -1.79 16.96 8.93
CA SER B 161 -2.73 15.90 8.58
C SER B 161 -2.21 14.47 8.69
N GLY B 162 -0.96 14.25 8.32
CA GLY B 162 -0.39 12.92 8.34
C GLY B 162 0.61 12.65 9.45
N VAL B 163 0.79 13.61 10.37
CA VAL B 163 1.83 13.48 11.39
C VAL B 163 1.54 12.41 12.45
N TYR B 164 0.28 12.27 12.85
CA TYR B 164 -0.08 11.33 13.91
C TYR B 164 0.01 9.89 13.45
N THR B 165 0.28 9.68 12.17
CA THR B 165 0.35 8.32 11.64
C THR B 165 1.74 8.00 11.09
N PHE B 166 2.77 8.47 11.78
CA PHE B 166 4.15 8.11 11.45
C PHE B 166 4.52 6.66 11.85
N LEU B 167 4.29 6.20 13.09
CA LEU B 167 3.84 6.96 14.24
C LEU B 167 4.30 6.06 15.38
N SER B 168 5.59 5.76 15.43
CA SER B 168 6.12 4.81 16.39
C SER B 168 7.62 4.61 16.29
N SER B 169 8.19 4.05 17.36
CA SER B 169 9.55 3.52 17.36
C SER B 169 10.67 4.53 17.15
N THR B 170 11.70 4.05 16.45
CA THR B 170 12.96 4.76 16.16
C THR B 170 13.09 6.23 16.57
N LEU B 171 14.23 6.55 17.16
CA LEU B 171 14.59 7.92 17.52
C LEU B 171 14.40 8.90 16.36
N LYS B 172 14.77 8.46 15.15
CA LYS B 172 14.61 9.29 13.96
C LYS B 172 13.14 9.61 13.71
N SER B 173 12.28 8.61 13.86
CA SER B 173 10.84 8.82 13.70
C SER B 173 10.34 9.86 14.70
N LEU B 174 10.85 9.80 15.92
CA LEU B 174 10.51 10.78 16.95
C LEU B 174 11.02 12.17 16.59
N GLU B 175 12.25 12.25 16.10
CA GLU B 175 12.81 13.52 15.66
C GLU B 175 11.92 14.15 14.60
N GLU B 176 11.59 13.38 13.57
CA GLU B 176 10.71 13.86 12.49
C GLU B 176 9.43 14.45 13.05
N LYS B 177 8.78 13.71 13.96
CA LYS B 177 7.55 14.19 14.58
C LYS B 177 7.80 15.46 15.39
N ASP B 178 8.93 15.49 16.10
CA ASP B 178 9.28 16.65 16.91
C ASP B 178 9.52 17.88 16.06
N HIS B 179 10.22 17.70 14.94
CA HIS B 179 10.50 18.79 14.01
C HIS B 179 9.20 19.35 13.43
N ILE B 180 8.29 18.47 13.06
CA ILE B 180 7.00 18.88 12.51
C ILE B 180 6.23 19.74 13.51
N HIS B 181 6.23 19.32 14.77
CA HIS B 181 5.50 20.04 15.80
C HIS B 181 6.11 21.41 16.06
N ARG B 182 7.43 21.49 16.01
CA ARG B 182 8.11 22.78 16.17
C ARG B 182 7.80 23.74 15.03
N VAL B 183 7.82 23.24 13.80
CA VAL B 183 7.41 24.05 12.65
C VAL B 183 5.94 24.49 12.77
N LEU B 184 5.07 23.56 13.14
CA LEU B 184 3.68 23.90 13.46
C LEU B 184 3.60 25.05 14.47
N ASP B 185 4.39 24.96 15.53
CA ASP B 185 4.45 26.01 16.56
C ASP B 185 4.83 27.37 15.96
N LYS B 186 5.83 27.37 15.09
CA LYS B 186 6.26 28.61 14.44
C LYS B 186 5.13 29.20 13.58
N ILE B 187 4.36 28.35 12.92
CA ILE B 187 3.25 28.84 12.11
C ILE B 187 2.12 29.39 13.00
N THR B 188 1.89 28.74 14.13
CA THR B 188 0.96 29.29 15.12
C THR B 188 1.40 30.67 15.58
N ASP B 189 2.68 30.81 15.94
CA ASP B 189 3.28 32.10 16.29
C ASP B 189 2.97 33.13 15.19
N THR B 190 3.17 32.72 13.95
CA THR B 190 2.97 33.60 12.81
C THR B 190 1.53 34.08 12.70
N LEU B 191 0.58 33.16 12.79
CA LEU B 191 -0.84 33.51 12.81
C LEU B 191 -1.14 34.55 13.88
N ILE B 192 -0.68 34.30 15.11
CA ILE B 192 -0.91 35.23 16.21
C ILE B 192 -0.27 36.58 15.91
N HIS B 193 0.97 36.55 15.42
CA HIS B 193 1.65 37.79 15.07
C HIS B 193 0.83 38.62 14.08
N LEU B 194 0.30 37.97 13.05
CA LEU B 194 -0.56 38.67 12.08
C LEU B 194 -1.77 39.32 12.76
N MET B 195 -2.41 38.57 13.64
CA MET B 195 -3.61 39.04 14.33
C MET B 195 -3.33 40.22 15.25
N ALA B 196 -2.25 40.14 16.02
CA ALA B 196 -1.85 41.23 16.90
C ALA B 196 -1.49 42.47 16.08
N LYS B 197 -0.65 42.25 15.07
CA LYS B 197 -0.25 43.28 14.13
C LYS B 197 -1.48 44.00 13.60
N ALA B 198 -2.55 43.25 13.39
CA ALA B 198 -3.78 43.80 12.83
C ALA B 198 -4.55 44.61 13.86
N GLY B 199 -4.22 44.41 15.14
CA GLY B 199 -4.81 45.20 16.20
C GLY B 199 -5.87 44.50 17.02
N LEU B 200 -5.94 43.18 16.93
CA LEU B 200 -6.87 42.41 17.75
C LEU B 200 -6.34 42.29 19.17
N THR B 201 -7.24 42.33 20.15
CA THR B 201 -6.84 42.11 21.53
C THR B 201 -6.32 40.68 21.69
N LEU B 202 -5.69 40.40 22.82
CA LEU B 202 -5.22 39.05 23.11
C LEU B 202 -6.36 38.03 23.09
N GLN B 203 -7.51 38.42 23.65
CA GLN B 203 -8.66 37.54 23.73
C GLN B 203 -9.20 37.23 22.33
N GLN B 204 -9.30 38.26 21.50
CA GLN B 204 -9.77 38.08 20.13
C GLN B 204 -8.76 37.25 19.33
N GLN B 205 -7.48 37.48 19.59
CA GLN B 205 -6.43 36.71 18.93
C GLN B 205 -6.60 35.22 19.20
N HIS B 206 -6.74 34.88 20.48
CA HIS B 206 -6.81 33.47 20.86
CA HIS B 206 -6.83 33.47 20.88
C HIS B 206 -8.13 32.84 20.40
N GLN B 207 -9.20 33.62 20.33
CA GLN B 207 -10.47 33.12 19.85
C GLN B 207 -10.45 32.89 18.34
N ARG B 208 -9.87 33.83 17.61
CA ARG B 208 -9.81 33.72 16.15
C ARG B 208 -8.96 32.53 15.72
N LEU B 209 -7.79 32.38 16.34
CA LEU B 209 -6.93 31.22 16.10
C LEU B 209 -7.72 29.93 16.24
N ALA B 210 -8.45 29.81 17.35
CA ALA B 210 -9.23 28.61 17.60
C ALA B 210 -10.31 28.43 16.52
N GLN B 211 -11.01 29.51 16.20
CA GLN B 211 -12.05 29.44 15.20
C GLN B 211 -11.49 28.92 13.88
N LEU B 212 -10.30 29.37 13.52
CA LEU B 212 -9.67 28.98 12.26
C LEU B 212 -9.28 27.51 12.26
N LEU B 213 -8.66 27.06 13.35
CA LEU B 213 -8.18 25.68 13.45
C LEU B 213 -9.33 24.68 13.50
N LEU B 214 -10.43 25.06 14.14
CA LEU B 214 -11.61 24.21 14.22
C LEU B 214 -12.19 23.96 12.84
N ILE B 215 -12.07 24.95 11.97
CA ILE B 215 -12.53 24.78 10.58
C ILE B 215 -11.72 23.71 9.87
N LEU B 216 -10.47 23.53 10.29
CA LEU B 216 -9.62 22.50 9.68
C LEU B 216 -10.21 21.11 9.90
N SER B 217 -10.90 20.91 11.02
CA SER B 217 -11.48 19.58 11.27
C SER B 217 -12.60 19.29 10.28
N HIS B 218 -13.35 20.33 9.93
CA HIS B 218 -14.39 20.21 8.90
C HIS B 218 -13.75 19.93 7.54
N ILE B 219 -12.62 20.58 7.27
CA ILE B 219 -11.94 20.38 6.00
C ILE B 219 -11.44 18.94 5.91
N ARG B 220 -10.98 18.40 7.04
CA ARG B 220 -10.58 17.01 7.09
C ARG B 220 -11.78 16.11 6.82
N HIS B 221 -12.94 16.48 7.35
CA HIS B 221 -14.15 15.68 7.16
C HIS B 221 -14.51 15.63 5.67
N MET B 222 -14.58 16.81 5.05
CA MET B 222 -14.89 16.91 3.62
C MET B 222 -13.93 16.07 2.77
N SER B 223 -12.64 16.18 3.05
CA SER B 223 -11.64 15.38 2.36
C SER B 223 -11.91 13.89 2.53
N ASN B 224 -12.13 13.45 3.77
CA ASN B 224 -12.45 12.06 4.03
C ASN B 224 -13.62 11.58 3.18
N LYS B 225 -14.67 12.39 3.10
CA LYS B 225 -15.83 12.03 2.30
C LYS B 225 -15.49 11.98 0.82
N GLY B 226 -14.72 12.97 0.36
CA GLY B 226 -14.31 13.02 -1.02
C GLY B 226 -13.40 11.87 -1.39
N MET B 227 -12.45 11.56 -0.52
CA MET B 227 -11.54 10.46 -0.73
C MET B 227 -12.34 9.17 -0.85
N GLU B 228 -13.39 9.08 -0.03
CA GLU B 228 -14.27 7.92 0.00
C GLU B 228 -14.91 7.69 -1.35
N HIS B 229 -15.44 8.77 -1.93
CA HIS B 229 -16.07 8.71 -3.25
C HIS B 229 -15.04 8.35 -4.34
N LEU B 230 -13.87 8.97 -4.27
CA LEU B 230 -12.78 8.68 -5.21
C LEU B 230 -12.44 7.20 -5.28
N TYR B 231 -12.43 6.53 -4.13
CA TYR B 231 -12.09 5.12 -4.07
C TYR B 231 -13.20 4.21 -4.59
N SER B 232 -14.43 4.74 -4.65
CA SER B 232 -15.57 3.97 -5.12
C SER B 232 -15.72 4.02 -6.63
N MET B 233 -14.77 4.67 -7.29
CA MET B 233 -14.76 4.75 -8.75
C MET B 233 -13.89 3.65 -9.34
N LYS B 234 -14.48 2.82 -10.19
CA LYS B 234 -13.77 1.71 -10.80
C LYS B 234 -12.76 2.19 -11.84
N CYS B 235 -12.23 3.40 -11.67
CA CYS B 235 -11.25 3.95 -12.58
C CYS B 235 -9.83 3.70 -12.09
N LYS B 236 -9.72 2.97 -10.98
CA LYS B 236 -8.43 2.56 -10.44
C LYS B 236 -7.47 3.73 -10.22
N ASN B 237 -7.95 4.96 -10.45
CA ASN B 237 -7.08 6.11 -10.31
C ASN B 237 -7.69 7.49 -10.54
N VAL B 238 -7.54 8.32 -9.52
CA VAL B 238 -7.32 9.75 -9.65
C VAL B 238 -6.56 10.05 -8.37
N VAL B 239 -6.57 9.06 -7.49
CA VAL B 239 -5.82 9.10 -6.24
C VAL B 239 -4.35 8.81 -6.53
N PRO B 240 -3.48 9.81 -6.28
CA PRO B 240 -2.05 9.65 -6.55
C PRO B 240 -1.45 8.61 -5.62
N SER B 241 -0.63 7.71 -6.17
CA SER B 241 -0.02 6.65 -5.38
C SER B 241 1.19 7.19 -4.63
N TYR B 242 1.69 6.38 -3.68
CA TYR B 242 2.90 6.71 -2.95
C TYR B 242 4.08 6.84 -3.92
N ASP B 243 4.17 5.89 -4.85
CA ASP B 243 5.26 5.86 -5.81
C ASP B 243 5.20 7.08 -6.73
N LEU B 244 4.00 7.45 -7.15
CA LEU B 244 3.82 8.62 -8.00
C LEU B 244 4.30 9.87 -7.28
N LEU B 245 3.84 10.05 -6.05
CA LEU B 245 4.21 11.22 -5.27
C LEU B 245 5.71 11.28 -5.01
N LEU B 246 6.30 10.13 -4.75
CA LEU B 246 7.74 10.04 -4.51
C LEU B 246 8.50 10.44 -5.77
N GLU B 247 8.11 9.85 -6.90
CA GLU B 247 8.71 10.20 -8.18
C GLU B 247 8.69 11.71 -8.35
N MET B 248 7.52 12.31 -8.18
CA MET B 248 7.34 13.74 -8.38
C MET B 248 8.20 14.57 -7.44
N LEU B 249 8.54 14.02 -6.29
CA LEU B 249 9.31 14.76 -5.30
C LEU B 249 10.78 14.93 -5.70
N ASP B 250 11.35 13.92 -6.33
CA ASP B 250 12.72 14.02 -6.80
C ASP B 250 12.79 15.13 -7.84
N ALA B 251 13.32 16.29 -7.42
CA ALA B 251 13.35 17.51 -8.21
C ALA B 251 12.82 17.34 -9.63
N SER C 10 13.26 -37.74 -27.82
CA SER C 10 14.45 -38.49 -28.19
C SER C 10 14.89 -38.09 -29.59
N LEU C 11 13.94 -38.17 -30.52
CA LEU C 11 13.99 -37.47 -31.78
C LEU C 11 14.33 -36.02 -31.50
N ALA C 12 13.67 -35.46 -30.49
CA ALA C 12 13.96 -34.11 -30.03
C ALA C 12 15.41 -33.97 -29.58
N LEU C 13 15.95 -35.03 -29.00
CA LEU C 13 17.28 -35.00 -28.43
C LEU C 13 18.36 -35.01 -29.51
N SER C 14 17.97 -35.31 -30.74
CA SER C 14 18.93 -35.37 -31.84
C SER C 14 18.95 -34.08 -32.66
N LEU C 15 17.96 -33.22 -32.45
CA LEU C 15 17.85 -31.98 -33.22
C LEU C 15 19.04 -31.07 -32.99
N THR C 16 19.47 -30.37 -34.05
CA THR C 16 20.47 -29.33 -33.90
C THR C 16 19.76 -28.05 -33.47
N ALA C 17 20.53 -27.05 -33.08
CA ALA C 17 19.99 -25.75 -32.70
C ALA C 17 19.13 -25.15 -33.80
N ASP C 18 19.58 -25.29 -35.04
CA ASP C 18 18.85 -24.75 -36.19
C ASP C 18 17.53 -25.48 -36.41
N GLN C 19 17.56 -26.81 -36.33
CA GLN C 19 16.35 -27.61 -36.47
C GLN C 19 15.33 -27.30 -35.38
N MET C 20 15.81 -27.10 -34.16
CA MET C 20 14.93 -26.80 -33.04
C MET C 20 14.18 -25.50 -33.29
N VAL C 21 14.93 -24.47 -33.71
CA VAL C 21 14.36 -23.17 -34.00
C VAL C 21 13.36 -23.26 -35.14
N SER C 22 13.76 -23.90 -36.22
CA SER C 22 12.89 -24.10 -37.37
C SER C 22 11.58 -24.76 -36.96
N ALA C 23 11.66 -25.85 -36.19
CA ALA C 23 10.46 -26.53 -35.72
C ALA C 23 9.58 -25.58 -34.91
N LEU C 24 10.20 -24.79 -34.04
CA LEU C 24 9.45 -23.90 -33.17
C LEU C 24 8.80 -22.76 -33.95
N LEU C 25 9.54 -22.18 -34.90
CA LEU C 25 8.99 -21.12 -35.73
C LEU C 25 7.81 -21.67 -36.53
N ASP C 26 7.97 -22.90 -37.03
CA ASP C 26 6.93 -23.54 -37.83
C ASP C 26 5.67 -23.79 -37.02
N ALA C 27 5.81 -23.97 -35.71
CA ALA C 27 4.69 -24.31 -34.85
C ALA C 27 3.92 -23.10 -34.33
N GLU C 28 4.47 -21.91 -34.56
CA GLU C 28 3.87 -20.69 -34.01
C GLU C 28 2.40 -20.59 -34.36
N PRO C 29 1.55 -20.29 -33.38
CA PRO C 29 0.13 -20.09 -33.67
C PRO C 29 -0.03 -18.76 -34.40
N PRO C 30 -1.18 -18.55 -35.05
CA PRO C 30 -1.38 -17.26 -35.70
C PRO C 30 -1.80 -16.21 -34.67
N ILE C 31 -1.76 -14.94 -35.04
CA ILE C 31 -2.24 -13.88 -34.17
C ILE C 31 -3.72 -13.67 -34.43
N LEU C 32 -4.55 -13.93 -33.43
CA LEU C 32 -6.00 -13.87 -33.61
C LEU C 32 -6.57 -12.46 -33.38
N TYR C 33 -7.72 -12.19 -33.99
CA TYR C 33 -8.40 -10.91 -33.79
C TYR C 33 -9.48 -11.03 -32.71
N SER C 34 -9.65 -9.97 -31.94
CA SER C 34 -10.74 -9.92 -30.99
C SER C 34 -12.03 -9.80 -31.78
N GLU C 35 -13.00 -10.69 -31.55
CA GLU C 35 -14.27 -10.57 -32.27
C GLU C 35 -15.27 -9.70 -31.52
N TYR C 36 -15.07 -8.38 -31.65
CA TYR C 36 -15.98 -7.34 -31.17
C TYR C 36 -15.24 -6.08 -30.67
N ASP C 37 -13.92 -6.13 -30.74
CA ASP C 37 -13.06 -5.00 -30.35
C ASP C 37 -13.69 -4.12 -29.29
N SER C 46 -16.46 -5.88 -19.21
CA SER C 46 -16.36 -6.04 -20.66
C SER C 46 -14.98 -6.56 -21.06
N MET C 47 -13.96 -6.03 -20.41
CA MET C 47 -12.60 -6.51 -20.61
C MET C 47 -12.55 -8.02 -20.45
N MET C 48 -13.22 -8.51 -19.41
CA MET C 48 -13.30 -9.94 -19.16
C MET C 48 -14.00 -10.66 -20.30
N GLY C 49 -15.02 -10.01 -20.85
CA GLY C 49 -15.72 -10.56 -22.01
C GLY C 49 -14.78 -10.75 -23.18
N LEU C 50 -13.90 -9.78 -23.39
CA LEU C 50 -12.99 -9.81 -24.52
C LEU C 50 -11.84 -10.80 -24.34
N LEU C 51 -11.23 -10.80 -23.16
CA LEU C 51 -10.17 -11.75 -22.87
C LEU C 51 -10.71 -13.18 -23.02
N THR C 52 -11.89 -13.41 -22.46
CA THR C 52 -12.52 -14.72 -22.49
C THR C 52 -12.73 -15.22 -23.92
N ASN C 53 -13.33 -14.38 -24.76
CA ASN C 53 -13.56 -14.74 -26.15
C ASN C 53 -12.26 -15.05 -26.89
N LEU C 54 -11.24 -14.25 -26.62
CA LEU C 54 -9.95 -14.38 -27.29
C LEU C 54 -9.18 -15.60 -26.77
N ALA C 55 -9.10 -15.73 -25.45
CA ALA C 55 -8.40 -16.84 -24.82
C ALA C 55 -8.98 -18.20 -25.22
N ASP C 56 -10.31 -18.28 -25.26
CA ASP C 56 -11.00 -19.50 -25.69
C ASP C 56 -10.53 -19.95 -27.07
N ARG C 57 -10.44 -19.00 -28.00
CA ARG C 57 -9.99 -19.35 -29.35
C ARG C 57 -8.48 -19.61 -29.40
N GLU C 58 -7.72 -18.92 -28.55
CA GLU C 58 -6.27 -19.12 -28.51
C GLU C 58 -5.87 -20.50 -27.96
N LEU C 59 -6.65 -20.98 -27.00
CA LEU C 59 -6.37 -22.25 -26.34
C LEU C 59 -6.27 -23.38 -27.37
N VAL C 60 -7.20 -23.37 -28.32
CA VAL C 60 -7.25 -24.39 -29.35
C VAL C 60 -5.94 -24.43 -30.12
N HIS C 61 -5.44 -23.24 -30.48
CA HIS C 61 -4.16 -23.12 -31.18
C HIS C 61 -2.99 -23.50 -30.28
N MET C 62 -3.09 -23.17 -29.00
CA MET C 62 -2.01 -23.47 -28.07
C MET C 62 -1.79 -24.98 -27.96
N ILE C 63 -2.88 -25.73 -27.81
CA ILE C 63 -2.82 -27.19 -27.76
C ILE C 63 -2.08 -27.75 -28.96
N ASN C 64 -2.42 -27.25 -30.15
CA ASN C 64 -1.79 -27.73 -31.36
C ASN C 64 -0.35 -27.25 -31.51
N TRP C 65 -0.07 -26.04 -31.04
CA TRP C 65 1.30 -25.60 -30.93
C TRP C 65 2.09 -26.52 -29.99
N ALA C 66 1.53 -26.78 -28.82
CA ALA C 66 2.21 -27.61 -27.83
C ALA C 66 2.59 -28.99 -28.38
N LYS C 67 1.66 -29.63 -29.09
CA LYS C 67 1.93 -30.95 -29.63
C LYS C 67 3.07 -30.93 -30.65
N ARG C 68 3.44 -29.72 -31.09
CA ARG C 68 4.51 -29.57 -32.07
C ARG C 68 5.86 -29.17 -31.44
N VAL C 69 5.87 -28.87 -30.15
CA VAL C 69 7.12 -28.61 -29.44
C VAL C 69 7.90 -29.91 -29.32
N PRO C 70 9.13 -29.93 -29.83
CA PRO C 70 9.92 -31.17 -29.80
C PRO C 70 10.02 -31.77 -28.40
N GLY C 71 9.74 -33.07 -28.30
CA GLY C 71 9.80 -33.76 -27.03
C GLY C 71 8.47 -33.84 -26.30
N PHE C 72 7.53 -32.96 -26.65
CA PHE C 72 6.29 -32.85 -25.91
C PHE C 72 5.38 -34.07 -26.06
N VAL C 73 5.25 -34.58 -27.28
CA VAL C 73 4.38 -35.74 -27.51
C VAL C 73 5.03 -37.04 -27.07
N ASP C 74 6.29 -36.97 -26.64
CA ASP C 74 6.97 -38.14 -26.07
C ASP C 74 6.45 -38.44 -24.68
N LEU C 75 5.75 -37.47 -24.09
CA LEU C 75 5.23 -37.60 -22.73
C LEU C 75 3.89 -38.31 -22.75
N THR C 76 3.50 -38.88 -21.62
CA THR C 76 2.17 -39.46 -21.47
C THR C 76 1.12 -38.36 -21.66
N ARG C 77 -0.08 -38.75 -22.07
CA ARG C 77 -1.16 -37.78 -22.24
C ARG C 77 -1.41 -37.04 -20.92
N HIS C 78 -1.33 -37.77 -19.81
CA HIS C 78 -1.54 -37.18 -18.50
C HIS C 78 -0.53 -36.09 -18.19
N ASP C 79 0.73 -36.33 -18.52
CA ASP C 79 1.79 -35.37 -18.26
C ASP C 79 1.70 -34.15 -19.17
N GLN C 80 1.24 -34.36 -20.40
CA GLN C 80 1.05 -33.25 -21.33
C GLN C 80 0.00 -32.30 -20.78
N VAL C 81 -1.07 -32.85 -20.22
CA VAL C 81 -2.15 -32.05 -19.66
C VAL C 81 -1.68 -31.24 -18.46
N HIS C 82 -0.83 -31.85 -17.63
CA HIS C 82 -0.35 -31.18 -16.43
C HIS C 82 0.53 -29.98 -16.79
N LEU C 83 1.41 -30.16 -17.77
CA LEU C 83 2.26 -29.09 -18.24
C LEU C 83 1.42 -27.92 -18.74
N LEU C 84 0.43 -28.22 -19.59
CA LEU C 84 -0.44 -27.19 -20.16
C LEU C 84 -1.28 -26.53 -19.07
N GLU C 85 -1.76 -27.34 -18.14
CA GLU C 85 -2.58 -26.84 -17.04
C GLU C 85 -1.79 -25.77 -16.27
N CYS C 86 -0.53 -26.04 -16.00
CA CYS C 86 0.32 -25.11 -15.25
C CYS C 86 0.80 -23.90 -16.08
N ALA C 87 0.97 -24.08 -17.38
CA ALA C 87 1.61 -23.07 -18.22
C ALA C 87 0.66 -22.15 -18.97
N TRP C 88 -0.59 -22.57 -19.14
CA TRP C 88 -1.49 -21.92 -20.08
C TRP C 88 -1.53 -20.39 -19.98
N LEU C 89 -1.67 -19.85 -18.77
CA LEU C 89 -1.78 -18.39 -18.65
C LEU C 89 -0.43 -17.70 -18.88
N GLU C 90 0.65 -18.37 -18.52
CA GLU C 90 1.99 -17.83 -18.76
C GLU C 90 2.21 -17.71 -20.26
N ILE C 91 1.77 -18.73 -20.99
CA ILE C 91 1.96 -18.76 -22.44
C ILE C 91 1.14 -17.68 -23.12
N LEU C 92 -0.10 -17.49 -22.68
CA LEU C 92 -0.94 -16.42 -23.21
C LEU C 92 -0.26 -15.08 -22.94
N MET C 93 0.18 -14.90 -21.70
CA MET C 93 0.80 -13.65 -21.28
C MET C 93 2.11 -13.32 -21.98
N ILE C 94 2.96 -14.31 -22.20
CA ILE C 94 4.21 -14.02 -22.90
C ILE C 94 3.95 -13.69 -24.37
N GLY C 95 2.93 -14.32 -24.95
CA GLY C 95 2.55 -14.00 -26.32
C GLY C 95 2.13 -12.54 -26.40
N LEU C 96 1.35 -12.09 -25.42
CA LEU C 96 0.89 -10.71 -25.36
C LEU C 96 2.07 -9.74 -25.26
N VAL C 97 2.97 -10.02 -24.32
CA VAL C 97 4.17 -9.21 -24.12
C VAL C 97 5.00 -9.11 -25.40
N TRP C 98 5.15 -10.23 -26.09
CA TRP C 98 5.88 -10.25 -27.36
C TRP C 98 5.19 -9.38 -28.41
N ARG C 99 3.87 -9.54 -28.52
CA ARG C 99 3.07 -8.77 -29.48
C ARG C 99 3.13 -7.28 -29.21
N SER C 100 3.28 -6.90 -27.94
CA SER C 100 3.18 -5.51 -27.54
C SER C 100 4.55 -4.84 -27.58
N MET C 101 5.57 -5.63 -27.89
CA MET C 101 6.95 -5.19 -27.76
C MET C 101 7.19 -3.87 -28.48
N GLU C 102 6.70 -3.77 -29.70
CA GLU C 102 6.94 -2.57 -30.51
C GLU C 102 5.88 -1.49 -30.30
N HIS C 103 5.14 -1.57 -29.19
CA HIS C 103 4.11 -0.59 -28.88
C HIS C 103 4.26 -0.08 -27.46
N PRO C 104 5.29 0.73 -27.20
CA PRO C 104 5.55 1.18 -25.83
C PRO C 104 4.33 1.83 -25.21
N GLY C 105 4.02 1.46 -23.97
CA GLY C 105 2.89 2.04 -23.26
C GLY C 105 1.55 1.39 -23.58
N LYS C 106 1.56 0.41 -24.49
CA LYS C 106 0.32 -0.24 -24.90
C LYS C 106 0.44 -1.76 -24.90
N LEU C 107 -0.67 -2.43 -24.63
CA LEU C 107 -0.76 -3.87 -24.72
C LEU C 107 -1.61 -4.27 -25.93
N LEU C 108 -1.00 -5.02 -26.84
CA LEU C 108 -1.68 -5.44 -28.05
C LEU C 108 -2.31 -6.80 -27.85
N PHE C 109 -3.48 -6.82 -27.20
CA PHE C 109 -4.23 -8.05 -27.01
C PHE C 109 -4.56 -8.67 -28.38
N ALA C 110 -4.87 -7.80 -29.34
CA ALA C 110 -5.06 -8.19 -30.73
C ALA C 110 -4.87 -6.96 -31.62
N PRO C 111 -4.70 -7.16 -32.94
CA PRO C 111 -4.48 -6.03 -33.86
C PRO C 111 -5.60 -4.98 -33.80
N ASN C 112 -6.79 -5.40 -33.41
CA ASN C 112 -7.92 -4.47 -33.28
C ASN C 112 -8.27 -4.23 -31.82
N LEU C 113 -7.37 -4.64 -30.93
CA LEU C 113 -7.57 -4.44 -29.50
C LEU C 113 -6.26 -4.06 -28.85
N LEU C 114 -5.88 -2.79 -29.01
CA LEU C 114 -4.65 -2.27 -28.45
C LEU C 114 -4.99 -1.31 -27.32
N LEU C 115 -4.53 -1.64 -26.10
CA LEU C 115 -4.93 -0.87 -24.92
C LEU C 115 -3.77 -0.14 -24.26
N ASP C 116 -4.04 1.07 -23.77
CA ASP C 116 -3.05 1.81 -22.99
C ASP C 116 -3.35 1.66 -21.51
N ARG C 117 -2.47 2.20 -20.68
CA ARG C 117 -2.58 2.03 -19.23
C ARG C 117 -3.92 2.48 -18.65
N ASN C 118 -4.49 3.54 -19.21
CA ASN C 118 -5.71 4.13 -18.64
C ASN C 118 -6.99 3.36 -18.93
N GLN C 119 -7.10 2.81 -20.13
CA GLN C 119 -8.19 1.88 -20.42
C GLN C 119 -7.97 0.65 -19.56
N GLY C 120 -6.74 0.50 -19.08
CA GLY C 120 -6.38 -0.59 -18.19
C GLY C 120 -6.70 -0.27 -16.74
N LYS C 121 -7.26 0.92 -16.52
CA LYS C 121 -7.71 1.30 -15.19
C LYS C 121 -9.20 1.01 -15.04
N CYS C 122 -9.97 1.32 -16.08
CA CYS C 122 -11.40 1.04 -16.09
C CYS C 122 -11.60 -0.41 -15.71
N VAL C 123 -10.66 -1.26 -16.12
CA VAL C 123 -10.67 -2.66 -15.75
C VAL C 123 -10.09 -2.78 -14.33
N GLU C 124 -10.93 -3.22 -13.41
CA GLU C 124 -10.68 -3.12 -11.98
C GLU C 124 -9.26 -3.44 -11.50
N GLY C 125 -9.11 -4.59 -10.83
CA GLY C 125 -7.84 -4.95 -10.22
C GLY C 125 -6.78 -5.47 -11.18
N MET C 126 -6.94 -5.14 -12.47
CA MET C 126 -5.99 -5.58 -13.48
C MET C 126 -4.89 -4.56 -13.70
N VAL C 127 -5.07 -3.36 -13.17
CA VAL C 127 -4.12 -2.28 -13.41
C VAL C 127 -2.69 -2.68 -13.03
N GLU C 128 -2.56 -3.35 -11.90
CA GLU C 128 -1.25 -3.82 -11.46
C GLU C 128 -0.68 -4.85 -12.43
N ILE C 129 -1.51 -5.80 -12.84
CA ILE C 129 -1.07 -6.82 -13.79
C ILE C 129 -0.75 -6.19 -15.15
N PHE C 130 -1.57 -5.23 -15.54
CA PHE C 130 -1.36 -4.45 -16.76
C PHE C 130 0.03 -3.83 -16.72
N ASP C 131 0.36 -3.18 -15.60
CA ASP C 131 1.65 -2.52 -15.43
C ASP C 131 2.81 -3.49 -15.52
N MET C 132 2.66 -4.65 -14.87
CA MET C 132 3.69 -5.67 -14.90
C MET C 132 3.91 -6.16 -16.33
N LEU C 133 2.81 -6.33 -17.06
CA LEU C 133 2.89 -6.76 -18.46
C LEU C 133 3.65 -5.71 -19.28
N LEU C 134 3.27 -4.45 -19.12
CA LEU C 134 3.97 -3.36 -19.79
C LEU C 134 5.46 -3.36 -19.46
N ALA C 135 5.78 -3.58 -18.20
CA ALA C 135 7.17 -3.57 -17.77
C ALA C 135 7.95 -4.71 -18.43
N THR C 136 7.30 -5.85 -18.62
CA THR C 136 7.96 -6.98 -19.26
C THR C 136 8.21 -6.73 -20.75
N SER C 137 7.23 -6.13 -21.41
CA SER C 137 7.33 -5.82 -22.82
C SER C 137 8.48 -4.85 -23.05
N SER C 138 8.61 -3.90 -22.14
CA SER C 138 9.66 -2.90 -22.21
C SER C 138 11.03 -3.51 -21.97
N ARG C 139 11.07 -4.55 -21.14
CA ARG C 139 12.31 -5.28 -20.90
C ARG C 139 12.71 -6.00 -22.21
N PHE C 140 11.73 -6.63 -22.85
CA PHE C 140 11.97 -7.31 -24.12
C PHE C 140 12.54 -6.32 -25.13
N ARG C 141 11.97 -5.11 -25.14
CA ARG C 141 12.37 -4.06 -26.05
C ARG C 141 13.83 -3.64 -25.82
N MET C 142 14.19 -3.41 -24.57
CA MET C 142 15.54 -2.95 -24.26
C MET C 142 16.57 -4.06 -24.49
N MET C 143 16.12 -5.30 -24.50
CA MET C 143 17.02 -6.43 -24.74
C MET C 143 17.12 -6.78 -26.21
N ASN C 144 16.31 -6.13 -27.04
CA ASN C 144 16.19 -6.51 -28.44
C ASN C 144 15.92 -8.01 -28.55
N LEU C 145 14.93 -8.49 -27.78
CA LEU C 145 14.56 -9.90 -27.85
C LEU C 145 14.19 -10.29 -29.28
N GLN C 146 14.71 -11.44 -29.72
CA GLN C 146 14.49 -11.93 -31.08
C GLN C 146 13.39 -12.98 -31.16
N GLY C 147 12.72 -13.05 -32.31
CA GLY C 147 11.68 -14.04 -32.52
C GLY C 147 12.15 -15.45 -32.20
N GLU C 148 13.36 -15.78 -32.64
CA GLU C 148 13.95 -17.10 -32.40
C GLU C 148 14.13 -17.37 -30.91
N GLU C 149 14.54 -16.35 -30.17
CA GLU C 149 14.74 -16.48 -28.73
C GLU C 149 13.38 -16.60 -28.06
N PHE C 150 12.43 -15.81 -28.54
CA PHE C 150 11.08 -15.83 -28.01
C PHE C 150 10.43 -17.21 -28.06
N VAL C 151 10.52 -17.90 -29.18
CA VAL C 151 9.86 -19.20 -29.30
C VAL C 151 10.52 -20.20 -28.35
N CYS C 152 11.81 -20.04 -28.13
CA CYS C 152 12.53 -20.88 -27.18
C CYS C 152 12.02 -20.66 -25.76
N LEU C 153 11.80 -19.40 -25.42
CA LEU C 153 11.33 -19.06 -24.07
C LEU C 153 9.96 -19.66 -23.82
N LYS C 154 9.07 -19.50 -24.79
CA LYS C 154 7.73 -20.04 -24.69
C LYS C 154 7.76 -21.55 -24.48
N SER C 155 8.60 -22.24 -25.23
CA SER C 155 8.77 -23.68 -25.09
C SER C 155 9.29 -24.05 -23.70
N ILE C 156 10.22 -23.24 -23.19
CA ILE C 156 10.77 -23.48 -21.86
C ILE C 156 9.67 -23.40 -20.82
N ILE C 157 8.79 -22.42 -20.95
CA ILE C 157 7.67 -22.23 -20.03
C ILE C 157 6.77 -23.46 -20.03
N LEU C 158 6.53 -24.00 -21.22
CA LEU C 158 5.68 -25.17 -21.36
C LEU C 158 6.26 -26.36 -20.59
N LEU C 159 7.54 -26.64 -20.81
CA LEU C 159 8.19 -27.81 -20.22
C LEU C 159 8.59 -27.63 -18.77
N ASN C 160 8.75 -26.38 -18.33
CA ASN C 160 9.27 -26.12 -16.98
C ASN C 160 8.23 -25.85 -15.89
N SER C 161 7.12 -25.20 -16.24
CA SER C 161 6.21 -24.71 -15.21
C SER C 161 5.56 -25.81 -14.39
N GLY C 162 5.28 -26.95 -15.01
CA GLY C 162 4.60 -28.02 -14.30
C GLY C 162 5.42 -29.24 -13.96
N VAL C 163 6.71 -29.23 -14.27
CA VAL C 163 7.55 -30.43 -14.13
C VAL C 163 7.85 -30.80 -12.67
N TYR C 164 7.83 -29.82 -11.77
CA TYR C 164 8.18 -30.06 -10.38
C TYR C 164 7.01 -30.59 -9.55
N THR C 165 5.83 -30.63 -10.16
CA THR C 165 4.65 -31.17 -9.49
C THR C 165 4.06 -32.33 -10.28
N PHE C 166 4.93 -33.24 -10.72
CA PHE C 166 4.48 -34.41 -11.48
C PHE C 166 3.97 -35.52 -10.57
N LEU C 167 4.69 -35.75 -9.47
CA LEU C 167 4.33 -36.72 -8.43
C LEU C 167 5.35 -37.85 -8.30
N SER C 168 6.41 -37.77 -9.09
CA SER C 168 7.47 -38.80 -9.08
C SER C 168 6.89 -40.20 -8.93
N SER C 169 7.29 -40.90 -7.88
CA SER C 169 6.82 -42.26 -7.60
C SER C 169 7.16 -43.27 -8.70
N THR C 170 6.18 -43.56 -9.56
CA THR C 170 6.36 -44.59 -10.59
C THR C 170 7.62 -44.37 -11.41
N LEU C 171 8.15 -45.44 -11.98
CA LEU C 171 9.33 -45.32 -12.83
C LEU C 171 9.05 -44.39 -14.01
N LYS C 172 7.83 -44.48 -14.56
CA LYS C 172 7.47 -43.71 -15.74
C LYS C 172 7.56 -42.21 -15.48
N SER C 173 6.99 -41.76 -14.36
CA SER C 173 7.02 -40.35 -14.03
C SER C 173 8.44 -39.82 -13.85
N LEU C 174 9.32 -40.68 -13.34
CA LEU C 174 10.73 -40.33 -13.20
C LEU C 174 11.41 -40.21 -14.56
N GLU C 175 11.10 -41.16 -15.43
CA GLU C 175 11.60 -41.16 -16.80
C GLU C 175 11.05 -39.97 -17.57
N GLU C 176 9.83 -39.55 -17.24
CA GLU C 176 9.21 -38.39 -17.87
C GLU C 176 9.94 -37.11 -17.50
N LYS C 177 10.34 -37.00 -16.24
CA LYS C 177 11.06 -35.82 -15.75
C LYS C 177 12.44 -35.72 -16.36
N ASP C 178 13.14 -36.85 -16.44
CA ASP C 178 14.45 -36.87 -17.07
C ASP C 178 14.33 -36.33 -18.49
N HIS C 179 13.34 -36.84 -19.21
CA HIS C 179 13.13 -36.46 -20.60
C HIS C 179 12.88 -34.96 -20.74
N ILE C 180 12.03 -34.42 -19.87
CA ILE C 180 11.77 -32.99 -19.87
C ILE C 180 13.06 -32.20 -19.62
N HIS C 181 13.86 -32.66 -18.67
CA HIS C 181 15.09 -31.95 -18.36
CA HIS C 181 15.12 -32.01 -18.33
C HIS C 181 16.07 -32.01 -19.52
N ARG C 182 16.14 -33.14 -20.21
CA ARG C 182 17.01 -33.26 -21.37
C ARG C 182 16.58 -32.34 -22.51
N VAL C 183 15.28 -32.22 -22.73
CA VAL C 183 14.79 -31.33 -23.79
C VAL C 183 15.12 -29.89 -23.45
N LEU C 184 14.92 -29.52 -22.18
CA LEU C 184 15.26 -28.18 -21.71
C LEU C 184 16.74 -27.86 -21.95
N ASP C 185 17.60 -28.83 -21.70
CA ASP C 185 19.04 -28.66 -21.96
C ASP C 185 19.25 -28.38 -23.45
N LYS C 186 18.50 -29.06 -24.30
CA LYS C 186 18.62 -28.84 -25.74
C LYS C 186 18.17 -27.43 -26.12
N ILE C 187 17.15 -26.93 -25.43
CA ILE C 187 16.71 -25.56 -25.68
C ILE C 187 17.75 -24.55 -25.16
N THR C 188 18.42 -24.89 -24.07
CA THR C 188 19.52 -24.07 -23.60
C THR C 188 20.62 -24.00 -24.65
N ASP C 189 21.00 -25.16 -25.19
CA ASP C 189 21.99 -25.23 -26.26
C ASP C 189 21.58 -24.33 -27.42
N THR C 190 20.30 -24.41 -27.78
CA THR C 190 19.77 -23.67 -28.91
C THR C 190 19.91 -22.17 -28.68
N LEU C 191 19.45 -21.70 -27.53
CA LEU C 191 19.57 -20.29 -27.17
C LEU C 191 21.02 -19.81 -27.29
N ILE C 192 21.94 -20.56 -26.69
CA ILE C 192 23.35 -20.21 -26.74
C ILE C 192 23.87 -20.17 -28.18
N HIS C 193 23.44 -21.13 -28.99
CA HIS C 193 23.83 -21.16 -30.39
C HIS C 193 23.39 -19.90 -31.12
N LEU C 194 22.14 -19.52 -30.94
CA LEU C 194 21.60 -18.32 -31.57
C LEU C 194 22.44 -17.10 -31.22
N MET C 195 22.85 -17.01 -29.96
CA MET C 195 23.64 -15.87 -29.48
C MET C 195 25.05 -15.87 -30.05
N ALA C 196 25.69 -17.03 -30.08
CA ALA C 196 27.02 -17.16 -30.67
C ALA C 196 26.94 -16.81 -32.15
N LYS C 197 25.92 -17.34 -32.81
CA LYS C 197 25.66 -17.07 -34.21
C LYS C 197 25.51 -15.57 -34.45
N ALA C 198 24.86 -14.88 -33.51
CA ALA C 198 24.62 -13.44 -33.64
C ALA C 198 25.86 -12.60 -33.34
N GLY C 199 26.89 -13.23 -32.79
CA GLY C 199 28.15 -12.54 -32.55
C GLY C 199 28.45 -12.18 -31.10
N LEU C 200 27.63 -12.65 -30.17
CA LEU C 200 27.88 -12.38 -28.75
C LEU C 200 29.13 -13.10 -28.32
N THR C 201 29.92 -12.47 -27.45
CA THR C 201 31.05 -13.13 -26.80
C THR C 201 30.54 -14.18 -25.81
N LEU C 202 31.39 -15.13 -25.45
CA LEU C 202 31.03 -16.16 -24.48
C LEU C 202 30.39 -15.54 -23.25
N GLN C 203 31.00 -14.48 -22.74
CA GLN C 203 30.49 -13.80 -21.55
C GLN C 203 29.10 -13.25 -21.79
N GLN C 204 28.92 -12.56 -22.91
CA GLN C 204 27.63 -11.97 -23.26
C GLN C 204 26.57 -13.04 -23.48
N GLN C 205 27.00 -14.23 -23.93
CA GLN C 205 26.06 -15.33 -24.12
C GLN C 205 25.49 -15.82 -22.80
N HIS C 206 26.35 -16.00 -21.80
CA HIS C 206 25.89 -16.46 -20.49
CA HIS C 206 25.85 -16.49 -20.52
C HIS C 206 25.04 -15.41 -19.80
N GLN C 207 25.36 -14.15 -20.04
CA GLN C 207 24.65 -13.05 -19.38
C GLN C 207 23.26 -12.92 -19.94
N ARG C 208 23.14 -12.98 -21.26
CA ARG C 208 21.85 -12.82 -21.91
C ARG C 208 20.97 -14.03 -21.61
N LEU C 209 21.57 -15.21 -21.59
CA LEU C 209 20.84 -16.42 -21.22
C LEU C 209 20.20 -16.23 -19.86
N ALA C 210 20.98 -15.73 -18.91
CA ALA C 210 20.50 -15.50 -17.54
C ALA C 210 19.38 -14.48 -17.51
N GLN C 211 19.56 -13.38 -18.25
CA GLN C 211 18.58 -12.31 -18.25
C GLN C 211 17.25 -12.82 -18.80
N LEU C 212 17.34 -13.66 -19.81
CA LEU C 212 16.13 -14.19 -20.44
C LEU C 212 15.38 -15.12 -19.48
N LEU C 213 16.11 -16.02 -18.84
CA LEU C 213 15.49 -16.97 -17.94
C LEU C 213 14.92 -16.31 -16.68
N LEU C 214 15.56 -15.24 -16.23
CA LEU C 214 15.10 -14.56 -15.01
C LEU C 214 13.78 -13.85 -15.24
N ILE C 215 13.53 -13.44 -16.48
CA ILE C 215 12.24 -12.84 -16.83
C ILE C 215 11.11 -13.85 -16.64
N LEU C 216 11.44 -15.14 -16.74
CA LEU C 216 10.43 -16.18 -16.56
C LEU C 216 9.89 -16.22 -15.13
N SER C 217 10.72 -15.85 -14.16
CA SER C 217 10.23 -15.76 -12.80
C SER C 217 9.11 -14.74 -12.74
N HIS C 218 9.30 -13.62 -13.45
CA HIS C 218 8.31 -12.55 -13.45
C HIS C 218 7.04 -12.96 -14.19
N ILE C 219 7.19 -13.76 -15.24
CA ILE C 219 6.03 -14.21 -16.00
C ILE C 219 5.19 -15.15 -15.14
N ARG C 220 5.86 -16.03 -14.41
CA ARG C 220 5.20 -16.88 -13.42
C ARG C 220 4.44 -16.02 -12.43
N HIS C 221 5.09 -14.95 -11.97
CA HIS C 221 4.48 -14.06 -10.99
C HIS C 221 3.19 -13.45 -11.54
N MET C 222 3.27 -12.91 -12.75
CA MET C 222 2.11 -12.33 -13.42
C MET C 222 0.98 -13.35 -13.62
N SER C 223 1.34 -14.56 -14.00
CA SER C 223 0.35 -15.63 -14.14
C SER C 223 -0.34 -15.89 -12.80
N ASN C 224 0.44 -15.94 -11.73
CA ASN C 224 -0.14 -16.18 -10.42
C ASN C 224 -1.08 -15.06 -9.98
N LYS C 225 -0.67 -13.81 -10.15
CA LYS C 225 -1.57 -12.69 -9.86
C LYS C 225 -2.83 -12.80 -10.70
N GLY C 226 -2.66 -13.13 -11.98
CA GLY C 226 -3.78 -13.30 -12.88
C GLY C 226 -4.79 -14.31 -12.33
N MET C 227 -4.29 -15.49 -11.97
CA MET C 227 -5.14 -16.54 -11.39
C MET C 227 -5.82 -16.03 -10.12
N GLU C 228 -5.04 -15.39 -9.26
CA GLU C 228 -5.55 -14.80 -8.04
C GLU C 228 -6.72 -13.88 -8.38
N HIS C 229 -6.54 -13.06 -9.42
CA HIS C 229 -7.56 -12.10 -9.83
C HIS C 229 -8.80 -12.78 -10.40
N LEU C 230 -8.60 -13.87 -11.14
CA LEU C 230 -9.73 -14.63 -11.69
C LEU C 230 -10.62 -15.17 -10.58
N TYR C 231 -10.00 -15.69 -9.53
CA TYR C 231 -10.75 -16.27 -8.42
C TYR C 231 -11.54 -15.22 -7.66
N SER C 232 -10.92 -14.07 -7.42
CA SER C 232 -11.59 -12.99 -6.69
C SER C 232 -12.68 -12.35 -7.55
N MET C 233 -12.58 -12.52 -8.87
CA MET C 233 -13.59 -12.01 -9.79
C MET C 233 -14.74 -12.98 -9.96
N LYS C 234 -14.69 -14.08 -9.23
CA LYS C 234 -15.69 -15.14 -9.35
C LYS C 234 -15.62 -15.79 -10.73
N CYS C 235 -14.46 -15.66 -11.38
CA CYS C 235 -14.26 -16.17 -12.73
C CYS C 235 -13.45 -17.47 -12.74
N LYS C 236 -13.62 -18.29 -11.71
CA LYS C 236 -12.91 -19.56 -11.62
C LYS C 236 -13.18 -20.41 -12.86
N ASN C 237 -14.33 -20.18 -13.49
CA ASN C 237 -14.82 -21.00 -14.59
C ASN C 237 -14.05 -20.90 -15.91
N VAL C 238 -13.33 -19.80 -16.10
CA VAL C 238 -12.64 -19.58 -17.38
C VAL C 238 -11.33 -20.35 -17.45
N VAL C 239 -10.95 -20.98 -16.34
CA VAL C 239 -9.71 -21.75 -16.31
C VAL C 239 -9.93 -23.12 -16.95
N PRO C 240 -9.04 -23.50 -17.88
CA PRO C 240 -9.11 -24.83 -18.50
C PRO C 240 -8.90 -25.92 -17.45
N SER C 241 -9.86 -26.83 -17.34
CA SER C 241 -9.77 -27.90 -16.37
C SER C 241 -8.89 -29.01 -16.91
N TYR C 242 -8.42 -29.89 -16.02
CA TYR C 242 -7.63 -31.04 -16.40
C TYR C 242 -8.32 -31.85 -17.50
N ASP C 243 -9.60 -32.17 -17.28
CA ASP C 243 -10.35 -32.97 -18.24
C ASP C 243 -10.59 -32.26 -19.57
N LEU C 244 -10.94 -30.98 -19.53
CA LEU C 244 -11.08 -30.20 -20.76
C LEU C 244 -9.81 -30.29 -21.60
N LEU C 245 -8.66 -30.09 -20.94
CA LEU C 245 -7.37 -30.15 -21.61
C LEU C 245 -7.10 -31.55 -22.16
N LEU C 246 -7.47 -32.56 -21.39
CA LEU C 246 -7.25 -33.94 -21.82
C LEU C 246 -8.04 -34.27 -23.08
N GLU C 247 -9.27 -33.79 -23.17
CA GLU C 247 -10.09 -34.08 -24.33
C GLU C 247 -9.64 -33.33 -25.59
N MET C 248 -9.16 -32.10 -25.39
CA MET C 248 -8.62 -31.31 -26.50
C MET C 248 -7.37 -31.97 -27.08
N LEU C 249 -6.51 -32.48 -26.20
CA LEU C 249 -5.30 -33.16 -26.62
C LEU C 249 -5.63 -34.44 -27.38
N ASP C 250 -6.56 -35.22 -26.85
CA ASP C 250 -6.95 -36.50 -27.45
C ASP C 250 -7.52 -36.36 -28.86
N ALA C 251 -7.96 -35.16 -29.22
CA ALA C 251 -8.55 -34.91 -30.54
C ALA C 251 -7.58 -35.22 -31.67
N SER D 10 -27.99 32.85 27.18
CA SER D 10 -27.70 33.72 28.31
C SER D 10 -27.69 32.96 29.64
N LEU D 11 -26.76 32.02 29.76
CA LEU D 11 -26.38 31.46 31.04
C LEU D 11 -24.95 30.95 30.87
N ALA D 12 -24.76 30.16 29.83
CA ALA D 12 -23.45 29.64 29.48
C ALA D 12 -22.49 30.77 29.16
N LEU D 13 -23.02 31.85 28.60
CA LEU D 13 -22.21 32.96 28.14
C LEU D 13 -21.71 33.81 29.31
N SER D 14 -22.29 33.60 30.49
CA SER D 14 -21.91 34.37 31.66
C SER D 14 -20.90 33.63 32.55
N LEU D 15 -20.74 32.33 32.31
CA LEU D 15 -19.85 31.51 33.13
C LEU D 15 -18.41 31.99 33.07
N THR D 16 -17.70 31.92 34.19
CA THR D 16 -16.26 32.16 34.19
C THR D 16 -15.56 30.87 33.75
N ALA D 17 -14.27 30.97 33.46
CA ALA D 17 -13.46 29.82 33.12
C ALA D 17 -13.55 28.72 34.19
N ASP D 18 -13.53 29.11 35.47
CA ASP D 18 -13.62 28.15 36.55
C ASP D 18 -14.97 27.45 36.61
N GLN D 19 -16.05 28.23 36.48
CA GLN D 19 -17.39 27.65 36.44
C GLN D 19 -17.58 26.68 35.27
N MET D 20 -17.04 27.03 34.11
CA MET D 20 -17.16 26.19 32.94
C MET D 20 -16.49 24.84 33.19
N VAL D 21 -15.29 24.88 33.76
CA VAL D 21 -14.55 23.66 34.06
C VAL D 21 -15.29 22.81 35.08
N SER D 22 -15.73 23.46 36.15
CA SER D 22 -16.49 22.80 37.20
C SER D 22 -17.73 22.10 36.64
N ALA D 23 -18.50 22.82 35.83
CA ALA D 23 -19.68 22.24 35.19
C ALA D 23 -19.31 21.01 34.37
N LEU D 24 -18.23 21.13 33.59
CA LEU D 24 -17.82 20.04 32.71
C LEU D 24 -17.31 18.83 33.49
N LEU D 25 -16.51 19.07 34.53
CA LEU D 25 -16.03 17.98 35.36
C LEU D 25 -17.21 17.28 36.02
N ASP D 26 -18.18 18.06 36.47
CA ASP D 26 -19.37 17.52 37.13
C ASP D 26 -20.20 16.65 36.19
N ALA D 27 -20.14 16.96 34.90
CA ALA D 27 -20.98 16.25 33.92
C ALA D 27 -20.34 14.95 33.40
N GLU D 28 -19.07 14.74 33.73
CA GLU D 28 -18.35 13.57 33.20
C GLU D 28 -19.12 12.29 33.42
N PRO D 29 -19.24 11.46 32.38
CA PRO D 29 -19.88 10.16 32.56
C PRO D 29 -18.94 9.26 33.33
N PRO D 30 -19.47 8.18 33.91
CA PRO D 30 -18.58 7.24 34.60
C PRO D 30 -17.85 6.36 33.60
N ILE D 31 -16.81 5.66 34.05
CA ILE D 31 -16.12 4.71 33.18
C ILE D 31 -16.79 3.35 33.31
N LEU D 32 -17.39 2.87 32.21
CA LEU D 32 -18.15 1.62 32.27
C LEU D 32 -17.26 0.39 32.08
N TYR D 33 -17.72 -0.75 32.58
CA TYR D 33 -17.03 -2.02 32.37
C TYR D 33 -17.63 -2.79 31.20
N SER D 34 -16.78 -3.48 30.46
CA SER D 34 -17.25 -4.39 29.43
C SER D 34 -17.95 -5.56 30.10
N GLU D 35 -19.19 -5.84 29.73
CA GLU D 35 -19.86 -7.00 30.33
C GLU D 35 -19.63 -8.28 29.53
N TYR D 36 -18.46 -8.87 29.75
CA TYR D 36 -18.06 -10.20 29.25
C TYR D 36 -16.56 -10.24 28.89
N ASP D 37 -15.85 -9.12 29.09
CA ASP D 37 -14.42 -9.04 28.84
C ASP D 37 -13.93 -10.01 27.76
N SER D 46 -15.98 -10.81 17.40
CA SER D 46 -16.18 -10.72 18.83
C SER D 46 -15.87 -9.31 19.33
N MET D 47 -14.80 -8.73 18.81
CA MET D 47 -14.45 -7.35 19.12
C MET D 47 -15.66 -6.46 18.88
N MET D 48 -16.33 -6.69 17.75
CA MET D 48 -17.54 -5.94 17.41
C MET D 48 -18.63 -6.17 18.43
N GLY D 49 -18.72 -7.40 18.93
CA GLY D 49 -19.67 -7.72 19.98
C GLY D 49 -19.41 -6.88 21.23
N LEU D 50 -18.14 -6.71 21.57
CA LEU D 50 -17.79 -6.00 22.78
C LEU D 50 -17.96 -4.49 22.66
N LEU D 51 -17.51 -3.94 21.53
CA LEU D 51 -17.67 -2.51 21.30
C LEU D 51 -19.15 -2.16 21.32
N THR D 52 -19.94 -2.97 20.65
CA THR D 52 -21.38 -2.76 20.55
C THR D 52 -22.05 -2.72 21.92
N ASN D 53 -21.75 -3.72 22.74
CA ASN D 53 -22.33 -3.78 24.08
C ASN D 53 -21.94 -2.57 24.93
N LEU D 54 -20.68 -2.16 24.80
CA LEU D 54 -20.13 -1.06 25.57
C LEU D 54 -20.65 0.30 25.06
N ALA D 55 -20.60 0.49 23.74
CA ALA D 55 -21.07 1.72 23.13
C ALA D 55 -22.55 1.99 23.41
N ASP D 56 -23.36 0.94 23.33
CA ASP D 56 -24.80 1.02 23.63
C ASP D 56 -25.04 1.60 25.02
N ARG D 57 -24.31 1.08 26.00
CA ARG D 57 -24.44 1.59 27.36
C ARG D 57 -23.83 2.99 27.54
N GLU D 58 -22.76 3.28 26.80
CA GLU D 58 -22.13 4.59 26.89
C GLU D 58 -22.99 5.71 26.31
N LEU D 59 -23.73 5.39 25.24
CA LEU D 59 -24.56 6.37 24.55
C LEU D 59 -25.54 7.03 25.52
N VAL D 60 -26.14 6.20 26.36
CA VAL D 60 -27.11 6.69 27.33
C VAL D 60 -26.49 7.75 28.24
N HIS D 61 -25.27 7.49 28.70
CA HIS D 61 -24.53 8.45 29.53
C HIS D 61 -24.12 9.68 28.72
N MET D 62 -23.78 9.47 27.46
CA MET D 62 -23.33 10.57 26.61
C MET D 62 -24.44 11.60 26.44
N ILE D 63 -25.65 11.12 26.13
CA ILE D 63 -26.82 11.99 26.01
C ILE D 63 -27.01 12.85 27.25
N ASN D 64 -26.88 12.24 28.41
CA ASN D 64 -27.05 12.98 29.66
C ASN D 64 -25.86 13.90 29.96
N TRP D 65 -24.66 13.47 29.58
CA TRP D 65 -23.52 14.36 29.64
C TRP D 65 -23.75 15.57 28.73
N ALA D 66 -24.18 15.32 27.50
CA ALA D 66 -24.37 16.40 26.54
C ALA D 66 -25.36 17.46 27.03
N LYS D 67 -26.46 17.01 27.61
CA LYS D 67 -27.47 17.95 28.10
C LYS D 67 -26.91 18.83 29.22
N ARG D 68 -25.75 18.45 29.75
CA ARG D 68 -25.12 19.20 30.84
C ARG D 68 -23.99 20.12 30.36
N VAL D 69 -23.62 20.01 29.08
CA VAL D 69 -22.64 20.92 28.49
C VAL D 69 -23.26 22.32 28.39
N PRO D 70 -22.63 23.32 29.01
CA PRO D 70 -23.23 24.67 28.99
C PRO D 70 -23.55 25.14 27.59
N GLY D 71 -24.76 25.66 27.40
CA GLY D 71 -25.19 26.16 26.10
C GLY D 71 -25.89 25.13 25.24
N PHE D 72 -25.73 23.85 25.56
CA PHE D 72 -26.26 22.79 24.71
C PHE D 72 -27.79 22.72 24.71
N VAL D 73 -28.41 22.84 25.88
CA VAL D 73 -29.86 22.74 25.96
C VAL D 73 -30.53 24.04 25.51
N ASP D 74 -29.73 25.06 25.21
CA ASP D 74 -30.26 26.31 24.64
C ASP D 74 -30.65 26.11 23.19
N LEU D 75 -30.16 25.04 22.59
CA LEU D 75 -30.45 24.74 21.19
C LEU D 75 -31.78 24.02 21.04
N THR D 76 -32.34 24.06 19.84
CA THR D 76 -33.56 23.30 19.55
C THR D 76 -33.24 21.82 19.70
N ARG D 77 -34.27 21.02 19.96
CA ARG D 77 -34.09 19.57 20.09
C ARG D 77 -33.50 19.01 18.80
N HIS D 78 -33.93 19.55 17.67
CA HIS D 78 -33.45 19.10 16.38
C HIS D 78 -31.95 19.33 16.23
N ASP D 79 -31.49 20.51 16.64
CA ASP D 79 -30.08 20.85 16.54
C ASP D 79 -29.22 20.03 17.50
N GLN D 80 -29.77 19.74 18.67
CA GLN D 80 -29.05 18.91 19.63
C GLN D 80 -28.80 17.53 19.03
N VAL D 81 -29.80 16.99 18.35
CA VAL D 81 -29.68 15.66 17.74
C VAL D 81 -28.62 15.65 16.65
N HIS D 82 -28.57 16.72 15.87
CA HIS D 82 -27.63 16.81 14.77
C HIS D 82 -26.18 16.85 15.28
N LEU D 83 -25.96 17.62 16.33
CA LEU D 83 -24.63 17.70 16.94
C LEU D 83 -24.19 16.33 17.42
N LEU D 84 -25.07 15.65 18.13
CA LEU D 84 -24.75 14.31 18.67
C LEU D 84 -24.57 13.32 17.54
N GLU D 85 -25.42 13.42 16.53
CA GLU D 85 -25.34 12.52 15.39
C GLU D 85 -23.93 12.59 14.77
N CYS D 86 -23.45 13.81 14.57
CA CYS D 86 -22.13 14.01 13.98
C CYS D 86 -20.95 13.68 14.92
N ALA D 87 -21.14 13.90 16.22
CA ALA D 87 -20.03 13.82 17.17
C ALA D 87 -19.86 12.46 17.86
N TRP D 88 -20.92 11.65 17.90
CA TRP D 88 -20.97 10.50 18.79
C TRP D 88 -19.71 9.62 18.77
N LEU D 89 -19.23 9.24 17.58
CA LEU D 89 -18.08 8.34 17.53
C LEU D 89 -16.79 9.05 17.93
N GLU D 90 -16.69 10.34 17.63
CA GLU D 90 -15.52 11.12 18.02
C GLU D 90 -15.44 11.18 19.54
N ILE D 91 -16.60 11.37 20.17
CA ILE D 91 -16.67 11.47 21.62
C ILE D 91 -16.30 10.16 22.29
N LEU D 92 -16.78 9.06 21.72
CA LEU D 92 -16.43 7.74 22.23
C LEU D 92 -14.93 7.54 22.11
N MET D 93 -14.41 7.86 20.93
CA MET D 93 -12.99 7.68 20.65
C MET D 93 -12.05 8.55 21.49
N ILE D 94 -12.42 9.80 21.74
CA ILE D 94 -11.55 10.64 22.56
C ILE D 94 -11.58 10.18 24.02
N GLY D 95 -12.71 9.64 24.45
CA GLY D 95 -12.81 9.08 25.79
C GLY D 95 -11.82 7.93 25.93
N LEU D 96 -11.79 7.08 24.92
CA LEU D 96 -10.89 5.93 24.89
C LEU D 96 -9.43 6.36 24.93
N VAL D 97 -9.07 7.33 24.09
CA VAL D 97 -7.72 7.86 24.03
C VAL D 97 -7.30 8.42 25.39
N TRP D 98 -8.20 9.16 26.03
CA TRP D 98 -7.94 9.71 27.35
C TRP D 98 -7.72 8.60 28.37
N ARG D 99 -8.57 7.58 28.33
CA ARG D 99 -8.49 6.46 29.27
C ARG D 99 -7.21 5.66 29.08
N SER D 100 -6.69 5.65 27.86
CA SER D 100 -5.54 4.81 27.53
C SER D 100 -4.24 5.57 27.73
N MET D 101 -4.35 6.84 28.08
CA MET D 101 -3.20 7.74 28.12
C MET D 101 -2.05 7.17 28.94
N GLU D 102 -2.37 6.64 30.11
CA GLU D 102 -1.33 6.13 31.01
C GLU D 102 -1.00 4.65 30.76
N HIS D 103 -1.36 4.15 29.58
CA HIS D 103 -1.10 2.76 29.24
C HIS D 103 -0.45 2.66 27.85
N PRO D 104 0.81 3.07 27.74
CA PRO D 104 1.46 3.10 26.42
C PRO D 104 1.38 1.74 25.72
N GLY D 105 1.02 1.76 24.44
CA GLY D 105 0.93 0.55 23.65
C GLY D 105 -0.37 -0.21 23.83
N LYS D 106 -1.25 0.30 24.68
CA LYS D 106 -2.52 -0.38 24.93
C LYS D 106 -3.71 0.57 24.85
N LEU D 107 -4.85 0.03 24.44
CA LEU D 107 -6.10 0.76 24.46
C LEU D 107 -7.01 0.23 25.56
N LEU D 108 -7.39 1.11 26.47
CA LEU D 108 -8.23 0.73 27.59
C LEU D 108 -9.70 0.98 27.25
N PHE D 109 -10.29 0.05 26.50
CA PHE D 109 -11.71 0.14 26.19
C PHE D 109 -12.52 0.13 27.48
N ALA D 110 -12.07 -0.66 28.45
CA ALA D 110 -12.63 -0.66 29.80
C ALA D 110 -11.60 -1.23 30.77
N PRO D 111 -11.80 -1.04 32.08
CA PRO D 111 -10.83 -1.53 33.07
C PRO D 111 -10.58 -3.04 32.96
N ASN D 112 -11.56 -3.79 32.46
CA ASN D 112 -11.40 -5.22 32.27
C ASN D 112 -11.25 -5.58 30.79
N LEU D 113 -11.01 -4.56 29.97
CA LEU D 113 -10.82 -4.76 28.54
C LEU D 113 -9.71 -3.86 28.03
N LEU D 114 -8.47 -4.27 28.29
CA LEU D 114 -7.30 -3.52 27.88
C LEU D 114 -6.59 -4.28 26.77
N LEU D 115 -6.49 -3.68 25.60
CA LEU D 115 -5.96 -4.38 24.43
C LEU D 115 -4.64 -3.80 23.93
N ASP D 116 -3.75 -4.68 23.47
CA ASP D 116 -2.51 -4.24 22.83
C ASP D 116 -2.68 -4.33 21.33
N ARG D 117 -1.66 -3.86 20.61
CA ARG D 117 -1.70 -3.79 19.15
C ARG D 117 -2.02 -5.12 18.48
N ASN D 118 -1.51 -6.21 19.02
CA ASN D 118 -1.64 -7.51 18.38
C ASN D 118 -3.03 -8.16 18.51
N GLN D 119 -3.66 -8.00 19.66
CA GLN D 119 -5.05 -8.40 19.80
C GLN D 119 -5.86 -7.48 18.90
N GLY D 120 -5.25 -6.37 18.52
CA GLY D 120 -5.88 -5.42 17.62
C GLY D 120 -5.63 -5.78 16.17
N LYS D 121 -4.90 -6.86 15.93
CA LYS D 121 -4.65 -7.34 14.57
C LYS D 121 -5.68 -8.38 14.17
N CYS D 122 -6.17 -9.15 15.14
CA CYS D 122 -7.22 -10.13 14.91
C CYS D 122 -8.43 -9.44 14.30
N VAL D 123 -8.65 -8.20 14.72
CA VAL D 123 -9.74 -7.39 14.19
C VAL D 123 -9.40 -6.93 12.77
N GLU D 124 -9.96 -7.65 11.80
CA GLU D 124 -9.67 -7.42 10.38
C GLU D 124 -9.09 -6.06 10.05
N GLY D 125 -9.95 -5.08 9.80
CA GLY D 125 -9.52 -3.78 9.32
C GLY D 125 -9.45 -2.68 10.35
N MET D 126 -9.39 -3.05 11.63
CA MET D 126 -9.33 -2.06 12.70
C MET D 126 -7.89 -1.73 13.08
N VAL D 127 -6.94 -2.53 12.60
CA VAL D 127 -5.56 -2.37 12.99
C VAL D 127 -5.06 -0.95 12.72
N GLU D 128 -5.44 -0.40 11.58
CA GLU D 128 -5.04 0.96 11.24
C GLU D 128 -5.66 1.97 12.18
N ILE D 129 -6.95 1.80 12.47
CA ILE D 129 -7.64 2.68 13.40
C ILE D 129 -7.08 2.53 14.81
N PHE D 130 -6.79 1.29 15.19
CA PHE D 130 -6.13 0.98 16.44
C PHE D 130 -4.84 1.78 16.57
N ASP D 131 -4.02 1.73 15.53
CA ASP D 131 -2.76 2.44 15.51
C ASP D 131 -2.92 3.95 15.66
N MET D 132 -3.87 4.50 14.93
CA MET D 132 -4.16 5.93 15.02
C MET D 132 -4.58 6.31 16.43
N LEU D 133 -5.40 5.47 17.05
CA LEU D 133 -5.85 5.71 18.41
C LEU D 133 -4.65 5.69 19.37
N LEU D 134 -3.79 4.69 19.24
CA LEU D 134 -2.57 4.62 20.03
C LEU D 134 -1.72 5.87 19.84
N ALA D 135 -1.61 6.33 18.60
CA ALA D 135 -0.78 7.48 18.30
C ALA D 135 -1.33 8.73 18.97
N THR D 136 -2.65 8.83 19.04
CA THR D 136 -3.30 9.98 19.68
C THR D 136 -3.11 9.96 21.20
N SER D 137 -3.23 8.78 21.79
CA SER D 137 -3.05 8.64 23.22
C SER D 137 -1.63 9.05 23.60
N SER D 138 -0.68 8.66 22.77
CA SER D 138 0.72 8.95 23.00
C SER D 138 1.00 10.45 22.84
N ARG D 139 0.24 11.10 21.98
CA ARG D 139 0.35 12.54 21.82
C ARG D 139 -0.15 13.21 23.10
N PHE D 140 -1.28 12.73 23.61
CA PHE D 140 -1.82 13.23 24.88
C PHE D 140 -0.79 13.10 25.98
N ARG D 141 -0.10 11.97 25.98
CA ARG D 141 0.90 11.66 27.01
C ARG D 141 2.07 12.63 26.94
N MET D 142 2.59 12.86 25.74
CA MET D 142 3.74 13.75 25.58
C MET D 142 3.38 15.21 25.85
N MET D 143 2.09 15.53 25.74
CA MET D 143 1.63 16.89 26.01
C MET D 143 1.24 17.10 27.46
N ASN D 144 1.26 16.02 28.24
CA ASN D 144 0.75 16.08 29.60
C ASN D 144 -0.64 16.68 29.61
N LEU D 145 -1.51 16.19 28.73
CA LEU D 145 -2.89 16.66 28.68
C LEU D 145 -3.56 16.51 30.04
N GLN D 146 -4.26 17.56 30.46
CA GLN D 146 -4.91 17.59 31.77
C GLN D 146 -6.41 17.26 31.68
N GLY D 147 -6.95 16.69 32.76
CA GLY D 147 -8.36 16.38 32.80
C GLY D 147 -9.23 17.59 32.45
N GLU D 148 -8.86 18.75 32.99
CA GLU D 148 -9.61 19.97 32.75
C GLU D 148 -9.59 20.35 31.27
N GLU D 149 -8.44 20.18 30.63
CA GLU D 149 -8.32 20.46 29.21
C GLU D 149 -9.11 19.43 28.41
N PHE D 150 -9.04 18.18 28.86
CA PHE D 150 -9.76 17.10 28.20
C PHE D 150 -11.26 17.33 28.09
N VAL D 151 -11.88 17.73 29.19
CA VAL D 151 -13.33 17.92 29.17
C VAL D 151 -13.69 19.07 28.23
N CYS D 152 -12.80 20.06 28.13
CA CYS D 152 -13.02 21.18 27.21
C CYS D 152 -12.99 20.70 25.76
N LEU D 153 -12.01 19.85 25.45
CA LEU D 153 -11.88 19.31 24.10
C LEU D 153 -13.13 18.53 23.71
N LYS D 154 -13.56 17.64 24.60
CA LYS D 154 -14.75 16.85 24.34
C LYS D 154 -15.96 17.73 24.05
N SER D 155 -16.13 18.79 24.83
CA SER D 155 -17.22 19.73 24.62
C SER D 155 -17.10 20.43 23.27
N ILE D 156 -15.87 20.79 22.91
CA ILE D 156 -15.63 21.44 21.63
C ILE D 156 -16.08 20.52 20.48
N ILE D 157 -15.75 19.24 20.60
CA ILE D 157 -16.13 18.25 19.59
C ILE D 157 -17.64 18.21 19.42
N LEU D 158 -18.35 18.23 20.54
CA LEU D 158 -19.80 18.20 20.54
C LEU D 158 -20.38 19.37 19.76
N LEU D 159 -19.91 20.57 20.09
CA LEU D 159 -20.47 21.79 19.51
C LEU D 159 -19.96 22.09 18.10
N ASN D 160 -18.81 21.55 17.75
CA ASN D 160 -18.16 21.90 16.49
C ASN D 160 -18.40 20.93 15.32
N SER D 161 -18.56 19.65 15.62
CA SER D 161 -18.54 18.66 14.54
C SER D 161 -19.72 18.76 13.58
N GLY D 162 -20.87 19.17 14.09
CA GLY D 162 -22.07 19.22 13.28
C GLY D 162 -22.59 20.62 12.95
N VAL D 163 -21.88 21.66 13.39
CA VAL D 163 -22.40 23.02 13.25
C VAL D 163 -22.40 23.56 11.82
N TYR D 164 -21.51 23.04 10.98
CA TYR D 164 -21.38 23.53 9.60
C TYR D 164 -22.39 22.89 8.65
N THR D 165 -23.13 21.91 9.14
CA THR D 165 -24.17 21.26 8.34
C THR D 165 -25.54 21.40 9.00
N PHE D 166 -25.86 22.60 9.47
CA PHE D 166 -27.14 22.85 10.11
C PHE D 166 -28.25 23.10 9.10
N LYS D 172 -33.90 31.10 12.92
CA LYS D 172 -33.58 30.33 14.12
C LYS D 172 -32.26 29.59 13.96
N SER D 173 -32.09 28.91 12.82
CA SER D 173 -30.87 28.15 12.57
C SER D 173 -29.63 29.04 12.54
N LEU D 174 -29.81 30.28 12.08
CA LEU D 174 -28.72 31.25 12.09
C LEU D 174 -28.38 31.67 13.51
N GLU D 175 -29.43 31.92 14.30
CA GLU D 175 -29.28 32.28 15.70
C GLU D 175 -28.67 31.12 16.49
N GLU D 176 -28.95 29.90 16.05
CA GLU D 176 -28.43 28.69 16.68
C GLU D 176 -26.92 28.60 16.48
N LYS D 177 -26.48 28.91 15.26
CA LYS D 177 -25.07 28.88 14.90
C LYS D 177 -24.28 29.94 15.65
N ASP D 178 -24.84 31.14 15.75
CA ASP D 178 -24.19 32.22 16.49
C ASP D 178 -23.94 31.75 17.91
N HIS D 179 -24.99 31.19 18.52
CA HIS D 179 -24.92 30.73 19.90
C HIS D 179 -23.84 29.67 20.08
N ILE D 180 -23.78 28.71 19.17
CA ILE D 180 -22.75 27.69 19.22
C ILE D 180 -21.36 28.32 19.15
N HIS D 181 -21.18 29.27 18.25
CA HIS D 181 -19.88 29.92 18.10
C HIS D 181 -19.48 30.70 19.35
N ARG D 182 -20.45 31.38 19.96
CA ARG D 182 -20.20 32.11 21.19
C ARG D 182 -19.79 31.17 22.34
N VAL D 183 -20.44 30.02 22.44
CA VAL D 183 -20.09 29.06 23.49
C VAL D 183 -18.67 28.55 23.26
N LEU D 184 -18.35 28.22 22.01
CA LEU D 184 -17.01 27.79 21.65
C LEU D 184 -15.96 28.83 22.05
N ASP D 185 -16.25 30.09 21.83
CA ASP D 185 -15.34 31.17 22.22
C ASP D 185 -15.11 31.12 23.74
N LYS D 186 -16.17 30.84 24.47
CA LYS D 186 -16.07 30.75 25.92
C LYS D 186 -15.21 29.55 26.35
N ILE D 187 -15.31 28.45 25.60
CA ILE D 187 -14.44 27.31 25.85
C ILE D 187 -12.99 27.61 25.49
N THR D 188 -12.78 28.44 24.47
CA THR D 188 -11.43 28.90 24.16
C THR D 188 -10.86 29.72 25.31
N ASP D 189 -11.66 30.65 25.81
CA ASP D 189 -11.28 31.47 26.96
C ASP D 189 -10.89 30.57 28.13
N THR D 190 -11.71 29.55 28.36
CA THR D 190 -11.50 28.63 29.46
C THR D 190 -10.15 27.93 29.33
N LEU D 191 -9.90 27.35 28.16
CA LEU D 191 -8.62 26.67 27.92
C LEU D 191 -7.44 27.60 28.22
N ILE D 192 -7.49 28.81 27.68
CA ILE D 192 -6.41 29.77 27.87
C ILE D 192 -6.23 30.09 29.35
N HIS D 193 -7.34 30.24 30.05
CA HIS D 193 -7.30 30.52 31.48
C HIS D 193 -6.59 29.41 32.24
N LEU D 194 -6.95 28.17 31.95
CA LEU D 194 -6.32 27.02 32.60
C LEU D 194 -4.81 27.04 32.38
N MET D 195 -4.38 27.40 31.17
CA MET D 195 -2.96 27.43 30.83
C MET D 195 -2.22 28.58 31.53
N ALA D 196 -2.83 29.76 31.55
CA ALA D 196 -2.25 30.90 32.24
C ALA D 196 -2.15 30.58 33.74
N LYS D 197 -3.21 29.98 34.26
CA LYS D 197 -3.27 29.56 35.65
C LYS D 197 -2.16 28.56 35.97
N ALA D 198 -1.85 27.68 35.01
CA ALA D 198 -0.81 26.68 35.20
C ALA D 198 0.61 27.25 35.05
N GLY D 199 0.71 28.49 34.59
CA GLY D 199 1.99 29.16 34.49
C GLY D 199 2.61 29.27 33.09
N LEU D 200 1.84 28.89 32.06
CA LEU D 200 2.35 29.02 30.70
C LEU D 200 2.50 30.48 30.33
N THR D 201 3.55 30.82 29.58
CA THR D 201 3.68 32.16 29.02
C THR D 201 2.63 32.37 27.93
N LEU D 202 2.37 33.63 27.59
CA LEU D 202 1.41 33.94 26.54
C LEU D 202 1.69 33.13 25.29
N GLN D 203 2.94 33.05 24.90
CA GLN D 203 3.34 32.31 23.70
C GLN D 203 3.00 30.83 23.84
N GLN D 204 3.37 30.26 24.97
CA GLN D 204 3.10 28.84 25.23
C GLN D 204 1.60 28.55 25.30
N GLN D 205 0.82 29.54 25.72
CA GLN D 205 -0.63 29.40 25.76
C GLN D 205 -1.22 29.26 24.35
N HIS D 206 -0.80 30.11 23.43
CA HIS D 206 -1.30 30.05 22.06
CA HIS D 206 -1.34 30.04 22.08
C HIS D 206 -0.84 28.81 21.34
N GLN D 207 0.37 28.35 21.67
CA GLN D 207 0.93 27.17 21.02
C GLN D 207 0.20 25.92 21.46
N ARG D 208 -0.04 25.81 22.76
CA ARG D 208 -0.67 24.62 23.31
C ARG D 208 -2.13 24.56 22.87
N LEU D 209 -2.77 25.73 22.81
CA LEU D 209 -4.15 25.82 22.33
C LEU D 209 -4.21 25.23 20.93
N ALA D 210 -3.27 25.66 20.07
CA ALA D 210 -3.22 25.19 18.69
C ALA D 210 -2.97 23.69 18.60
N GLN D 211 -2.05 23.19 19.40
CA GLN D 211 -1.71 21.77 19.40
C GLN D 211 -2.92 20.95 19.78
N LEU D 212 -3.67 21.43 20.76
CA LEU D 212 -4.85 20.72 21.23
C LEU D 212 -5.93 20.65 20.15
N LEU D 213 -6.22 21.80 19.53
CA LEU D 213 -7.26 21.87 18.52
C LEU D 213 -6.90 21.10 17.26
N LEU D 214 -5.62 21.03 16.92
CA LEU D 214 -5.19 20.32 15.70
C LEU D 214 -5.38 18.81 15.85
N ILE D 215 -5.29 18.33 17.08
CA ILE D 215 -5.53 16.92 17.34
C ILE D 215 -6.96 16.56 16.99
N LEU D 216 -7.85 17.55 17.07
CA LEU D 216 -9.27 17.31 16.74
C LEU D 216 -9.45 16.95 15.26
N SER D 217 -8.61 17.48 14.39
CA SER D 217 -8.66 17.07 12.99
C SER D 217 -8.43 15.58 12.89
N HIS D 218 -7.50 15.07 13.70
CA HIS D 218 -7.14 13.66 13.65
C HIS D 218 -8.24 12.80 14.24
N ILE D 219 -8.93 13.32 15.25
CA ILE D 219 -10.03 12.59 15.87
C ILE D 219 -11.18 12.46 14.88
N ARG D 220 -11.46 13.54 14.17
CA ARG D 220 -12.44 13.53 13.09
C ARG D 220 -12.06 12.47 12.07
N HIS D 221 -10.78 12.42 11.73
CA HIS D 221 -10.28 11.46 10.74
C HIS D 221 -10.55 10.02 11.20
N MET D 222 -10.19 9.74 12.45
CA MET D 222 -10.39 8.42 13.03
C MET D 222 -11.88 8.04 13.06
N SER D 223 -12.73 9.01 13.41
CA SER D 223 -14.16 8.78 13.40
C SER D 223 -14.63 8.42 11.99
N ASN D 224 -14.12 9.14 11.00
CA ASN D 224 -14.53 8.86 9.62
C ASN D 224 -14.10 7.47 9.17
N LYS D 225 -12.85 7.11 9.45
CA LYS D 225 -12.40 5.75 9.13
C LYS D 225 -13.26 4.73 9.83
N GLY D 226 -13.55 4.99 11.10
CA GLY D 226 -14.41 4.11 11.87
C GLY D 226 -15.75 3.88 11.17
N MET D 227 -16.41 4.96 10.81
CA MET D 227 -17.69 4.88 10.10
C MET D 227 -17.53 4.10 8.80
N GLU D 228 -16.47 4.42 8.07
CA GLU D 228 -16.14 3.72 6.84
C GLU D 228 -16.08 2.22 7.12
N HIS D 229 -15.41 1.87 8.20
CA HIS D 229 -15.23 0.47 8.57
C HIS D 229 -16.53 -0.21 8.98
N LEU D 230 -17.40 0.54 9.67
CA LEU D 230 -18.69 0.00 10.07
C LEU D 230 -19.53 -0.39 8.86
N TYR D 231 -19.53 0.48 7.84
CA TYR D 231 -20.31 0.23 6.65
C TYR D 231 -19.79 -0.97 5.86
N SER D 232 -18.47 -1.10 5.74
CA SER D 232 -17.89 -2.22 5.02
C SER D 232 -18.04 -3.52 5.80
N MET D 233 -18.25 -3.41 7.11
CA MET D 233 -18.48 -4.57 7.97
C MET D 233 -19.95 -4.99 7.98
N LYS D 234 -20.76 -4.29 7.19
CA LYS D 234 -22.21 -4.53 7.17
C LYS D 234 -22.83 -4.16 8.51
N CYS D 235 -22.14 -3.33 9.28
CA CYS D 235 -22.59 -2.93 10.61
C CYS D 235 -23.23 -1.55 10.62
N LYS D 236 -23.89 -1.17 9.53
CA LYS D 236 -24.54 0.14 9.44
C LYS D 236 -25.51 0.34 10.60
N ASN D 237 -26.01 -0.77 11.12
CA ASN D 237 -27.08 -0.78 12.13
C ASN D 237 -26.69 -0.27 13.52
N VAL D 238 -25.40 -0.30 13.85
CA VAL D 238 -24.97 0.10 15.19
C VAL D 238 -24.89 1.62 15.34
N VAL D 239 -25.09 2.33 14.24
CA VAL D 239 -25.03 3.79 14.28
C VAL D 239 -26.35 4.35 14.82
N PRO D 240 -26.26 5.25 15.81
CA PRO D 240 -27.45 5.91 16.34
C PRO D 240 -28.14 6.74 15.27
N SER D 241 -29.42 6.47 15.02
CA SER D 241 -30.15 7.21 14.00
C SER D 241 -30.62 8.53 14.56
N TYR D 242 -31.02 9.44 13.67
CA TYR D 242 -31.55 10.72 14.06
C TYR D 242 -32.71 10.55 15.05
N ASP D 243 -33.66 9.69 14.69
CA ASP D 243 -34.83 9.46 15.53
C ASP D 243 -34.50 8.81 16.88
N LEU D 244 -33.63 7.80 16.88
CA LEU D 244 -33.18 7.19 18.13
C LEU D 244 -32.63 8.25 19.07
N LEU D 245 -31.79 9.13 18.53
CA LEU D 245 -31.18 10.20 19.31
C LEU D 245 -32.23 11.18 19.81
N LEU D 246 -33.21 11.48 18.96
CA LEU D 246 -34.27 12.41 19.32
C LEU D 246 -35.10 11.90 20.48
N GLU D 247 -35.39 10.60 20.49
CA GLU D 247 -36.21 10.02 21.55
C GLU D 247 -35.44 9.91 22.87
N MET D 248 -34.15 9.62 22.79
CA MET D 248 -33.31 9.58 23.99
C MET D 248 -33.20 10.95 24.65
N LEU D 249 -33.06 11.98 23.83
CA LEU D 249 -33.01 13.35 24.32
C LEU D 249 -34.32 13.76 24.98
N ASP D 250 -35.43 13.45 24.32
CA ASP D 250 -36.75 13.83 24.81
C ASP D 250 -37.09 13.20 26.16
N ALA D 251 -36.38 12.16 26.55
CA ALA D 251 -36.64 11.46 27.81
C ALA D 251 -36.49 12.37 29.03
N HIS D 252 -35.28 12.45 29.57
CA HIS D 252 -35.03 13.27 30.75
C HIS D 252 -34.91 14.75 30.39
CAA KN0 E . 4.09 -18.73 6.60
CAB KN0 E . 5.15 -18.31 7.39
CAC KN0 E . 6.43 -18.82 7.17
CAD KN0 E . 6.63 -19.74 6.15
CAE KN0 E . 5.57 -20.15 5.35
CAF KN0 E . 4.29 -19.66 5.58
CAG KN0 E . 7.74 -20.45 5.70
NAH KN0 E . 7.33 -21.17 4.65
NAI KN0 E . 6.11 -21.03 4.49
CAJ KN0 E . 9.05 -20.29 6.15
CAK KN0 E . 5.38 -21.76 3.45
CAL KN0 E . 9.33 -19.66 7.37
CAM KN0 E . 10.65 -19.53 7.81
CAN KN0 E . 11.69 -20.03 7.03
CAO KN0 E . 11.42 -20.66 5.83
CAP KN0 E . 10.10 -20.81 5.42
OAQ KN0 E . 9.89 -21.42 4.22
OAR KN0 E . 13.00 -19.92 7.43
CAS KN0 E . 4.90 -23.08 4.11
CAT KN0 E . 3.98 -23.91 3.47
CAU KN0 E . 3.55 -25.08 4.09
CAV KN0 E . 4.03 -25.43 5.34
CAW KN0 E . 4.96 -24.61 5.98
CAX KN0 E . 5.39 -23.43 5.37
CAY KN0 E . 3.07 -20.07 4.74
FAZ KN0 E . 1.97 -19.48 5.19
FBA KN0 E . 2.88 -21.38 4.69
FBB KN0 E . 3.29 -19.63 3.51
CAA KN0 F . -12.62 14.53 -6.82
CAB KN0 F . -11.59 15.18 -7.49
CAC KN0 F . -11.33 16.53 -7.25
CAD KN0 F . -12.14 17.22 -6.34
CAE KN0 F . -13.18 16.58 -5.68
CAF KN0 F . -13.43 15.22 -5.92
CAG KN0 F . -12.20 18.54 -5.92
NAH KN0 F . -13.16 18.61 -5.00
NAI KN0 F . -13.73 17.51 -4.91
CAJ KN0 F . -11.30 19.53 -6.25
CAK KN0 F . -14.88 17.33 -4.01
CAL KN0 F . -10.51 19.49 -7.41
CAM KN0 F . -9.64 20.53 -7.71
CAN KN0 F . -9.57 21.65 -6.88
CAO KN0 F . -10.38 21.72 -5.76
CAP KN0 F . -11.26 20.69 -5.47
OAQ KN0 F . -12.01 20.77 -4.34
OAR KN0 F . -8.73 22.68 -7.16
CAS KN0 F . -16.18 17.63 -4.77
CAT KN0 F . -16.16 18.37 -5.96
CAU KN0 F . -17.35 18.63 -6.64
CAV KN0 F . -18.55 18.12 -6.17
CAW KN0 F . -18.58 17.37 -5.01
CAX KN0 F . -17.39 17.12 -4.31
CAY KN0 F . -14.56 14.47 -5.20
FAZ KN0 F . -14.55 13.19 -5.57
FBA KN0 F . -15.77 14.97 -5.43
FBB KN0 F . -14.32 14.52 -3.90
CAA KN0 G . -4.49 -9.93 -17.23
CAB KN0 G . -3.81 -9.65 -18.42
CAC KN0 G . -3.95 -10.49 -19.52
CAD KN0 G . -4.78 -11.59 -19.43
CAE KN0 G . -5.46 -11.88 -18.26
CAF KN0 G . -5.32 -11.05 -17.15
CAG KN0 G . -5.12 -12.64 -20.29
NAH KN0 G . -6.00 -13.39 -19.66
NAI KN0 G . -6.16 -12.98 -18.51
CAJ KN0 G . -4.74 -12.76 -21.63
CAK KN0 G . -7.03 -13.67 -17.55
CAL KN0 G . -3.59 -12.16 -22.13
CAM KN0 G . -3.21 -12.37 -23.46
CAN KN0 G . -3.96 -13.22 -24.28
CAO KN0 G . -5.06 -13.86 -23.77
CAP KN0 G . -5.43 -13.68 -22.45
OAQ KN0 G . -6.54 -14.31 -21.99
OAR KN0 G . -3.61 -13.44 -25.56
CAS KN0 G . -8.20 -14.31 -18.28
CAT KN0 G . -8.08 -15.58 -18.83
CAU KN0 G . -9.17 -16.13 -19.50
CAV KN0 G . -10.35 -15.43 -19.61
CAW KN0 G . -10.47 -14.16 -19.04
CAX KN0 G . -9.39 -13.59 -18.39
CAY KN0 G . -6.07 -11.33 -15.82
FAZ KN0 G . -5.65 -10.46 -14.90
FBA KN0 G . -5.82 -12.58 -15.42
FBB KN0 G . -7.39 -11.20 -15.97
CAA KN0 H . -12.59 1.37 16.22
CAB KN0 H . -12.10 1.70 17.47
CAC KN0 H . -12.97 2.01 18.52
CAD KN0 H . -14.34 1.97 18.29
CAE KN0 H . -14.84 1.63 17.04
CAF KN0 H . -13.96 1.31 16.00
CAG KN0 H . -15.46 2.24 19.07
NAH KN0 H . -16.52 1.97 18.32
NAI KN0 H . -16.16 1.68 17.17
CAJ KN0 H . -15.45 2.56 20.43
CAK KN0 H . -17.14 1.39 16.12
CAL KN0 H . -14.32 3.12 21.03
CAM KN0 H . -14.34 3.49 22.37
CAN KN0 H . -15.49 3.34 23.12
CAO KN0 H . -16.63 2.82 22.53
CAP KN0 H . -16.62 2.47 21.18
OAQ KN0 H . -17.74 1.95 20.63
OAR KN0 H . -15.54 3.70 24.43
CAS KN0 H . -18.33 0.70 16.76
CAT KN0 H . -19.34 1.43 17.37
CAU KN0 H . -20.42 0.76 17.95
CAV KN0 H . -20.47 -0.63 17.93
CAW KN0 H . -19.45 -1.35 17.33
CAX KN0 H . -18.38 -0.69 16.76
CAY KN0 H . -14.46 0.94 14.59
FAZ KN0 H . -13.40 0.57 13.85
FBA KN0 H . -15.05 1.98 14.01
FBB KN0 H . -15.32 -0.09 14.62
#